data_1HLY
#
_entry.id   1HLY
#
_entity_poly.entity_id   1
_entity_poly.type   'polypeptide(L)'
_entity_poly.pdbx_seq_one_letter_code
;TVIDVKCTSPKQCLPPCKAQFGIRAGAKCMNGKCKCYPH
;
_entity_poly.pdbx_strand_id   A
#
# COMPACT_ATOMS: atom_id res chain seq x y z
N THR A 1 -5.15 3.97 4.89
CA THR A 1 -6.16 3.15 4.13
C THR A 1 -5.72 1.70 4.05
N VAL A 2 -6.56 0.83 3.50
CA VAL A 2 -6.32 -0.57 3.32
C VAL A 2 -6.89 -0.73 1.95
N ILE A 3 -6.19 -1.49 1.12
CA ILE A 3 -6.55 -2.00 -0.15
C ILE A 3 -6.37 -3.48 0.03
N ASP A 4 -7.02 -4.25 -0.84
CA ASP A 4 -6.90 -5.68 -0.95
C ASP A 4 -5.81 -6.04 -1.96
N VAL A 5 -4.66 -5.41 -1.74
CA VAL A 5 -3.40 -5.74 -2.36
C VAL A 5 -2.74 -6.69 -1.38
N LYS A 6 -2.60 -7.95 -1.80
CA LYS A 6 -2.05 -8.98 -0.95
C LYS A 6 -0.54 -8.97 -1.13
N CYS A 7 0.21 -9.08 -0.03
CA CYS A 7 1.62 -8.77 -0.05
C CYS A 7 2.58 -9.74 0.58
N THR A 8 3.79 -9.76 -0.02
CA THR A 8 4.99 -10.42 0.50
C THR A 8 5.92 -9.42 1.12
N SER A 9 5.68 -8.14 0.84
CA SER A 9 6.59 -7.06 1.16
C SER A 9 5.83 -5.78 0.91
N PRO A 10 6.24 -4.59 1.31
CA PRO A 10 5.55 -3.34 0.94
C PRO A 10 5.58 -3.03 -0.54
N LYS A 11 6.57 -3.57 -1.28
CA LYS A 11 6.94 -3.24 -2.65
C LYS A 11 5.72 -3.21 -3.57
N GLN A 12 4.98 -4.32 -3.54
CA GLN A 12 3.85 -4.60 -4.40
C GLN A 12 2.62 -3.76 -4.12
N CYS A 13 2.59 -3.05 -2.97
CA CYS A 13 1.52 -2.12 -2.70
C CYS A 13 1.91 -0.67 -2.97
N LEU A 14 3.20 -0.40 -3.22
CA LEU A 14 3.65 0.96 -3.43
C LEU A 14 3.12 1.62 -4.72
N PRO A 15 3.10 1.00 -5.91
CA PRO A 15 2.39 1.55 -7.06
C PRO A 15 0.89 1.76 -6.89
N PRO A 16 0.01 0.95 -6.27
CA PRO A 16 -1.38 1.34 -6.04
C PRO A 16 -1.51 2.44 -5.02
N CYS A 17 -0.65 2.48 -4.00
CA CYS A 17 -0.66 3.55 -3.04
C CYS A 17 -0.42 4.89 -3.68
N LYS A 18 0.65 4.99 -4.48
CA LYS A 18 0.89 6.15 -5.31
C LYS A 18 -0.03 6.31 -6.51
N ALA A 19 -0.96 5.38 -6.75
CA ALA A 19 -1.95 5.51 -7.79
C ALA A 19 -2.98 6.56 -7.42
N GLN A 20 -3.77 6.15 -6.42
CA GLN A 20 -5.03 6.66 -6.06
C GLN A 20 -5.02 7.29 -4.70
N PHE A 21 -4.14 6.82 -3.79
CA PHE A 21 -4.19 7.20 -2.41
C PHE A 21 -3.40 8.45 -2.08
N GLY A 22 -2.27 8.73 -2.76
CA GLY A 22 -1.63 10.02 -2.51
C GLY A 22 -0.43 10.32 -3.36
N ILE A 23 0.14 11.52 -3.16
CA ILE A 23 1.27 12.05 -3.87
C ILE A 23 2.59 11.36 -3.54
N ARG A 24 2.86 11.17 -2.25
CA ARG A 24 4.09 10.59 -1.74
C ARG A 24 3.69 9.36 -0.92
N ALA A 25 2.47 8.85 -1.20
CA ALA A 25 1.84 7.80 -0.44
C ALA A 25 2.61 6.50 -0.33
N GLY A 26 2.51 5.87 0.86
CA GLY A 26 3.39 4.80 1.26
C GLY A 26 2.58 3.58 1.50
N ALA A 27 3.23 2.45 1.74
CA ALA A 27 2.55 1.21 1.76
C ALA A 27 3.32 0.30 2.67
N LYS A 28 2.63 -0.47 3.50
CA LYS A 28 3.32 -1.57 4.12
C LYS A 28 2.40 -2.74 4.25
N CYS A 29 2.98 -3.88 4.60
CA CYS A 29 2.29 -5.15 4.71
C CYS A 29 2.11 -5.51 6.17
N MET A 30 1.00 -6.20 6.49
CA MET A 30 0.83 -7.00 7.68
C MET A 30 -0.29 -7.95 7.39
N ASN A 31 -0.28 -9.16 7.96
CA ASN A 31 -1.31 -10.17 7.83
C ASN A 31 -1.57 -10.59 6.38
N GLY A 32 -0.51 -10.44 5.57
CA GLY A 32 -0.52 -10.70 4.13
C GLY A 32 -1.25 -9.70 3.29
N LYS A 33 -1.60 -8.51 3.80
CA LYS A 33 -2.39 -7.54 3.07
C LYS A 33 -1.92 -6.13 3.43
N CYS A 34 -2.12 -5.18 2.51
CA CYS A 34 -1.60 -3.83 2.63
C CYS A 34 -2.23 -2.95 3.71
N LYS A 35 -1.46 -1.94 4.13
CA LYS A 35 -1.84 -0.89 5.03
C LYS A 35 -1.13 0.30 4.41
N CYS A 36 -1.89 0.99 3.57
CA CYS A 36 -1.48 2.12 2.76
C CYS A 36 -1.57 3.44 3.51
N TYR A 37 -0.57 4.32 3.35
CA TYR A 37 -0.46 5.59 4.00
C TYR A 37 -0.72 6.68 2.99
N PRO A 38 -1.91 7.27 2.89
CA PRO A 38 -2.19 8.28 1.86
C PRO A 38 -1.63 9.64 2.21
N HIS A 39 -0.30 9.84 2.06
CA HIS A 39 0.27 11.17 2.19
C HIS A 39 1.40 11.42 1.16
N THR A 1 -5.20 3.77 5.07
CA THR A 1 -6.19 2.95 4.29
C THR A 1 -5.73 1.53 4.13
N VAL A 2 -6.59 0.66 3.58
CA VAL A 2 -6.37 -0.75 3.43
C VAL A 2 -7.00 -0.98 2.09
N ILE A 3 -6.34 -1.73 1.23
CA ILE A 3 -6.80 -2.30 0.03
C ILE A 3 -6.40 -3.73 0.20
N ASP A 4 -7.11 -4.63 -0.48
CA ASP A 4 -6.85 -6.05 -0.53
C ASP A 4 -5.97 -6.40 -1.73
N VAL A 5 -4.91 -5.59 -1.87
CA VAL A 5 -3.76 -5.90 -2.66
C VAL A 5 -2.90 -6.73 -1.76
N LYS A 6 -2.70 -8.01 -2.10
CA LYS A 6 -2.09 -8.95 -1.19
C LYS A 6 -0.60 -9.02 -1.43
N CYS A 7 0.14 -9.16 -0.33
CA CYS A 7 1.57 -9.01 -0.35
C CYS A 7 2.38 -9.95 0.48
N THR A 8 3.65 -10.06 0.07
CA THR A 8 4.75 -10.57 0.88
C THR A 8 5.73 -9.47 1.21
N SER A 9 5.65 -8.37 0.47
CA SER A 9 6.58 -7.26 0.51
C SER A 9 5.83 -5.96 0.52
N PRO A 10 6.30 -4.85 1.09
CA PRO A 10 5.73 -3.54 0.83
C PRO A 10 5.90 -3.11 -0.62
N LYS A 11 6.87 -3.69 -1.34
CA LYS A 11 7.18 -3.29 -2.71
C LYS A 11 5.99 -3.39 -3.63
N GLN A 12 5.33 -4.55 -3.60
CA GLN A 12 4.14 -4.86 -4.38
C GLN A 12 2.88 -4.10 -3.93
N CYS A 13 2.93 -3.42 -2.76
CA CYS A 13 1.87 -2.55 -2.28
C CYS A 13 2.07 -1.16 -2.86
N LEU A 14 3.34 -0.80 -3.20
CA LEU A 14 3.71 0.55 -3.54
C LEU A 14 3.07 1.09 -4.83
N PRO A 15 3.07 0.46 -6.00
CA PRO A 15 2.40 1.03 -7.17
C PRO A 15 0.88 1.18 -7.04
N PRO A 16 0.00 0.35 -6.48
CA PRO A 16 -1.39 0.75 -6.25
C PRO A 16 -1.50 1.81 -5.19
N CYS A 17 -0.67 1.77 -4.15
CA CYS A 17 -0.70 2.74 -3.09
C CYS A 17 -0.48 4.16 -3.60
N LYS A 18 0.49 4.29 -4.52
CA LYS A 18 0.80 5.53 -5.19
C LYS A 18 -0.23 6.02 -6.19
N ALA A 19 -1.19 5.17 -6.54
CA ALA A 19 -2.22 5.46 -7.51
C ALA A 19 -3.24 6.44 -6.98
N GLN A 20 -3.96 5.92 -6.00
CA GLN A 20 -5.20 6.38 -5.50
C GLN A 20 -5.08 6.94 -4.12
N PHE A 21 -4.09 6.46 -3.33
CA PHE A 21 -3.93 6.90 -1.98
C PHE A 21 -2.91 8.02 -1.81
N GLY A 22 -1.99 8.22 -2.77
CA GLY A 22 -1.29 9.48 -2.89
C GLY A 22 0.08 9.38 -3.46
N ILE A 23 0.54 10.43 -4.17
CA ILE A 23 1.83 10.46 -4.80
C ILE A 23 2.96 10.53 -3.79
N ARG A 24 2.75 11.29 -2.69
CA ARG A 24 3.72 11.36 -1.62
C ARG A 24 3.61 10.16 -0.67
N ALA A 25 2.41 9.53 -0.62
CA ALA A 25 1.96 8.56 0.38
C ALA A 25 2.84 7.34 0.62
N GLY A 26 2.63 6.68 1.78
CA GLY A 26 3.48 5.57 2.22
C GLY A 26 2.70 4.31 2.15
N ALA A 27 3.38 3.17 2.27
CA ALA A 27 2.78 1.91 1.95
C ALA A 27 3.41 0.84 2.83
N LYS A 28 2.60 -0.04 3.43
CA LYS A 28 3.09 -1.16 4.20
C LYS A 28 2.45 -2.44 3.72
N CYS A 29 3.13 -3.56 4.00
CA CYS A 29 2.51 -4.85 3.97
C CYS A 29 2.17 -5.24 5.40
N MET A 30 0.92 -5.67 5.65
CA MET A 30 0.51 -6.09 6.95
C MET A 30 -0.72 -6.96 6.85
N ASN A 31 -0.70 -8.09 7.58
CA ASN A 31 -1.71 -9.15 7.57
C ASN A 31 -1.92 -9.68 6.16
N GLY A 32 -0.77 -9.83 5.46
CA GLY A 32 -0.68 -10.24 4.06
C GLY A 32 -1.30 -9.29 3.06
N LYS A 33 -1.61 -8.02 3.43
CA LYS A 33 -2.29 -7.11 2.56
C LYS A 33 -1.67 -5.74 2.69
N CYS A 34 -1.86 -4.91 1.67
CA CYS A 34 -1.35 -3.55 1.60
C CYS A 34 -1.98 -2.63 2.63
N LYS A 35 -1.23 -1.58 3.00
CA LYS A 35 -1.52 -0.78 4.14
C LYS A 35 -0.97 0.60 3.90
N CYS A 36 -1.70 1.38 3.11
CA CYS A 36 -1.37 2.72 2.70
C CYS A 36 -1.53 3.79 3.77
N TYR A 37 -0.55 4.71 3.82
CA TYR A 37 -0.56 5.88 4.66
C TYR A 37 -0.84 7.05 3.74
N PRO A 38 -2.06 7.55 3.54
CA PRO A 38 -2.36 8.55 2.53
C PRO A 38 -1.95 9.96 2.97
N HIS A 39 -0.65 10.20 3.04
CA HIS A 39 -0.09 11.48 3.36
C HIS A 39 1.27 11.62 2.65
N THR A 1 -5.23 4.07 4.72
CA THR A 1 -6.21 3.21 3.97
C THR A 1 -5.73 1.78 3.86
N VAL A 2 -6.59 0.87 3.40
CA VAL A 2 -6.33 -0.55 3.30
C VAL A 2 -7.07 -0.85 2.03
N ILE A 3 -6.45 -1.66 1.19
CA ILE A 3 -6.94 -2.28 0.01
C ILE A 3 -6.60 -3.73 0.24
N ASP A 4 -7.30 -4.60 -0.49
CA ASP A 4 -7.07 -6.02 -0.57
C ASP A 4 -6.11 -6.37 -1.70
N VAL A 5 -5.02 -5.59 -1.73
CA VAL A 5 -3.82 -5.85 -2.46
C VAL A 5 -3.00 -6.73 -1.54
N LYS A 6 -2.53 -7.88 -2.06
CA LYS A 6 -2.04 -8.96 -1.25
C LYS A 6 -0.57 -9.14 -1.48
N CYS A 7 0.18 -9.32 -0.39
CA CYS A 7 1.61 -9.17 -0.43
C CYS A 7 2.39 -10.02 0.54
N THR A 8 3.68 -10.15 0.22
CA THR A 8 4.74 -10.49 1.15
C THR A 8 5.60 -9.28 1.43
N SER A 9 5.64 -8.34 0.48
CA SER A 9 6.53 -7.18 0.52
C SER A 9 5.75 -5.89 0.53
N PRO A 10 6.19 -4.81 1.19
CA PRO A 10 5.63 -3.48 0.97
C PRO A 10 5.88 -2.97 -0.44
N LYS A 11 6.87 -3.52 -1.16
CA LYS A 11 7.17 -3.10 -2.52
C LYS A 11 5.98 -3.25 -3.45
N GLN A 12 5.26 -4.38 -3.31
CA GLN A 12 4.04 -4.72 -4.02
C GLN A 12 2.90 -3.75 -3.77
N CYS A 13 2.96 -3.02 -2.66
CA CYS A 13 1.98 -2.08 -2.27
C CYS A 13 2.30 -0.68 -2.77
N LEU A 14 3.54 -0.41 -3.20
CA LEU A 14 3.94 0.94 -3.54
C LEU A 14 3.23 1.50 -4.76
N PRO A 15 3.16 0.89 -5.95
CA PRO A 15 2.37 1.42 -7.04
C PRO A 15 0.85 1.49 -6.79
N PRO A 16 0.06 0.64 -6.12
CA PRO A 16 -1.34 0.95 -5.83
C PRO A 16 -1.50 2.03 -4.81
N CYS A 17 -0.73 2.02 -3.72
CA CYS A 17 -0.84 3.01 -2.68
C CYS A 17 -0.59 4.40 -3.23
N LYS A 18 0.49 4.56 -4.00
CA LYS A 18 0.79 5.80 -4.67
C LYS A 18 -0.10 6.17 -5.83
N ALA A 19 -0.96 5.25 -6.27
CA ALA A 19 -1.98 5.54 -7.26
C ALA A 19 -3.11 6.35 -6.69
N GLN A 20 -3.90 5.61 -5.90
CA GLN A 20 -5.21 5.95 -5.45
C GLN A 20 -5.14 7.03 -4.41
N PHE A 21 -4.07 6.95 -3.61
CA PHE A 21 -3.84 7.78 -2.49
C PHE A 21 -2.72 8.78 -2.77
N GLY A 22 -2.02 8.61 -3.91
CA GLY A 22 -1.30 9.68 -4.58
C GLY A 22 0.15 9.86 -4.23
N ILE A 23 0.68 11.06 -4.56
CA ILE A 23 2.09 11.37 -4.55
C ILE A 23 2.66 11.42 -3.15
N ARG A 24 1.81 11.75 -2.18
CA ARG A 24 2.17 11.78 -0.79
C ARG A 24 2.19 10.38 -0.21
N ALA A 25 1.36 9.45 -0.71
CA ALA A 25 1.08 8.21 0.00
C ALA A 25 2.21 7.20 0.13
N GLY A 26 2.15 6.37 1.18
CA GLY A 26 3.14 5.38 1.53
C GLY A 26 2.45 4.06 1.70
N ALA A 27 3.20 2.99 2.00
CA ALA A 27 2.75 1.66 1.74
C ALA A 27 3.40 0.66 2.66
N LYS A 28 2.60 -0.17 3.34
CA LYS A 28 3.10 -1.31 4.09
C LYS A 28 2.40 -2.53 3.63
N CYS A 29 3.02 -3.68 3.95
CA CYS A 29 2.34 -4.95 3.95
C CYS A 29 2.17 -5.39 5.38
N MET A 30 0.98 -5.90 5.76
CA MET A 30 0.77 -6.49 7.05
C MET A 30 -0.40 -7.42 6.97
N ASN A 31 -0.27 -8.60 7.62
CA ASN A 31 -1.25 -9.69 7.65
C ASN A 31 -1.49 -10.22 6.24
N GLY A 32 -0.43 -10.17 5.42
CA GLY A 32 -0.44 -10.54 4.01
C GLY A 32 -1.16 -9.58 3.09
N LYS A 33 -1.58 -8.39 3.56
CA LYS A 33 -2.32 -7.48 2.72
C LYS A 33 -1.87 -6.07 3.00
N CYS A 34 -2.21 -5.14 2.11
CA CYS A 34 -1.68 -3.80 2.10
C CYS A 34 -2.09 -2.88 3.22
N LYS A 35 -1.33 -1.81 3.44
CA LYS A 35 -1.58 -0.83 4.47
C LYS A 35 -1.02 0.47 3.95
N CYS A 36 -1.78 1.18 3.12
CA CYS A 36 -1.42 2.46 2.59
C CYS A 36 -1.54 3.61 3.58
N TYR A 37 -0.48 4.41 3.71
CA TYR A 37 -0.42 5.55 4.59
C TYR A 37 -0.68 6.79 3.77
N PRO A 38 -1.24 7.89 4.27
CA PRO A 38 -1.16 9.19 3.59
C PRO A 38 0.13 9.91 3.93
N HIS A 39 1.23 9.17 3.88
CA HIS A 39 2.56 9.59 4.20
C HIS A 39 3.56 8.55 3.69
N THR A 1 -5.18 4.03 4.33
CA THR A 1 -6.20 3.14 3.66
C THR A 1 -5.69 1.73 3.54
N VAL A 2 -6.52 0.82 3.02
CA VAL A 2 -6.21 -0.57 2.85
C VAL A 2 -6.92 -0.90 1.55
N ILE A 3 -6.24 -1.57 0.65
CA ILE A 3 -6.71 -2.03 -0.63
C ILE A 3 -7.05 -3.52 -0.50
N ASP A 4 -6.78 -4.31 -1.56
CA ASP A 4 -6.70 -5.73 -1.51
C ASP A 4 -5.55 -6.23 -2.36
N VAL A 5 -4.41 -5.58 -2.13
CA VAL A 5 -3.12 -6.07 -2.54
C VAL A 5 -2.64 -6.97 -1.42
N LYS A 6 -2.43 -8.26 -1.74
CA LYS A 6 -1.90 -9.22 -0.79
C LYS A 6 -0.41 -9.30 -1.04
N CYS A 7 0.37 -9.43 0.03
CA CYS A 7 1.78 -9.18 -0.03
C CYS A 7 2.59 -9.85 1.05
N THR A 8 3.91 -9.88 0.80
CA THR A 8 4.93 -9.88 1.83
C THR A 8 5.59 -8.51 1.92
N SER A 9 5.68 -7.84 0.78
CA SER A 9 6.51 -6.66 0.59
C SER A 9 5.68 -5.38 0.59
N PRO A 10 6.21 -4.22 0.95
CA PRO A 10 5.61 -2.95 0.55
C PRO A 10 5.61 -2.73 -0.94
N LYS A 11 6.62 -3.26 -1.67
CA LYS A 11 6.82 -2.93 -3.07
C LYS A 11 5.65 -3.34 -3.95
N GLN A 12 5.07 -4.51 -3.63
CA GLN A 12 3.89 -5.07 -4.27
C GLN A 12 2.67 -4.17 -4.22
N CYS A 13 2.60 -3.31 -3.19
CA CYS A 13 1.49 -2.40 -3.01
C CYS A 13 1.79 -1.02 -3.57
N LEU A 14 3.06 -0.73 -3.88
CA LEU A 14 3.49 0.65 -4.10
C LEU A 14 2.86 1.30 -5.33
N PRO A 15 2.79 0.72 -6.53
CA PRO A 15 2.07 1.32 -7.65
C PRO A 15 0.58 1.61 -7.41
N PRO A 16 -0.35 0.78 -6.92
CA PRO A 16 -1.71 1.22 -6.64
C PRO A 16 -1.79 2.19 -5.48
N CYS A 17 -0.98 1.99 -4.44
CA CYS A 17 -0.96 2.86 -3.29
C CYS A 17 -0.60 4.29 -3.67
N LYS A 18 0.32 4.43 -4.63
CA LYS A 18 0.69 5.71 -5.19
C LYS A 18 -0.36 6.36 -6.06
N ALA A 19 -1.21 5.53 -6.64
CA ALA A 19 -2.26 5.91 -7.56
C ALA A 19 -3.40 6.63 -6.90
N GLN A 20 -4.08 5.82 -6.08
CA GLN A 20 -5.36 6.06 -5.51
C GLN A 20 -5.20 6.87 -4.25
N PHE A 21 -4.12 6.56 -3.53
CA PHE A 21 -4.01 6.91 -2.15
C PHE A 21 -2.94 7.94 -1.82
N GLY A 22 -2.02 8.27 -2.74
CA GLY A 22 -1.31 9.54 -2.66
C GLY A 22 0.05 9.54 -3.26
N ILE A 23 0.50 10.69 -3.78
CA ILE A 23 1.75 10.81 -4.47
C ILE A 23 2.94 10.69 -3.56
N ARG A 24 2.87 11.29 -2.36
CA ARG A 24 3.92 11.19 -1.38
C ARG A 24 3.80 9.92 -0.56
N ALA A 25 2.57 9.35 -0.52
CA ALA A 25 2.09 8.29 0.36
C ALA A 25 2.93 7.03 0.47
N GLY A 26 2.74 6.27 1.56
CA GLY A 26 3.55 5.10 1.85
C GLY A 26 2.69 3.89 1.80
N ALA A 27 3.32 2.72 1.74
CA ALA A 27 2.61 1.48 1.61
C ALA A 27 3.41 0.46 2.36
N LYS A 28 2.78 -0.37 3.20
CA LYS A 28 3.52 -1.37 3.92
C LYS A 28 2.59 -2.55 4.10
N CYS A 29 3.12 -3.76 4.26
CA CYS A 29 2.30 -4.95 4.35
C CYS A 29 2.09 -5.40 5.78
N MET A 30 0.91 -5.92 6.11
CA MET A 30 0.63 -6.55 7.39
C MET A 30 -0.62 -7.38 7.30
N ASN A 31 -0.65 -8.54 8.01
CA ASN A 31 -1.79 -9.46 8.08
C ASN A 31 -2.12 -9.99 6.69
N GLY A 32 -1.06 -10.21 5.91
CA GLY A 32 -1.14 -10.67 4.52
C GLY A 32 -1.45 -9.61 3.50
N LYS A 33 -1.80 -8.36 3.88
CA LYS A 33 -2.22 -7.41 2.88
C LYS A 33 -1.83 -6.00 3.26
N CYS A 34 -1.95 -5.08 2.31
CA CYS A 34 -1.40 -3.75 2.42
C CYS A 34 -1.98 -2.85 3.51
N LYS A 35 -1.26 -1.79 3.85
CA LYS A 35 -1.52 -0.78 4.81
C LYS A 35 -0.90 0.45 4.17
N CYS A 36 -1.70 1.16 3.38
CA CYS A 36 -1.37 2.42 2.78
C CYS A 36 -1.46 3.57 3.75
N TYR A 37 -0.45 4.44 3.77
CA TYR A 37 -0.37 5.58 4.65
C TYR A 37 -0.57 6.81 3.78
N PRO A 38 -1.75 7.40 3.68
CA PRO A 38 -2.01 8.51 2.78
C PRO A 38 -1.51 9.82 3.36
N HIS A 39 -0.19 9.99 3.45
CA HIS A 39 0.44 11.23 3.79
C HIS A 39 1.47 11.59 2.71
N THR A 1 -5.07 4.43 3.68
CA THR A 1 -6.19 3.47 3.41
C THR A 1 -5.77 2.05 3.63
N VAL A 2 -6.68 1.10 3.40
CA VAL A 2 -6.41 -0.30 3.35
C VAL A 2 -7.05 -0.61 2.02
N ILE A 3 -6.34 -1.38 1.21
CA ILE A 3 -6.70 -1.93 -0.02
C ILE A 3 -6.50 -3.40 0.20
N ASP A 4 -7.14 -4.20 -0.65
CA ASP A 4 -7.01 -5.63 -0.74
C ASP A 4 -5.93 -6.01 -1.76
N VAL A 5 -4.84 -5.24 -1.67
CA VAL A 5 -3.59 -5.52 -2.33
C VAL A 5 -2.86 -6.42 -1.38
N LYS A 6 -2.62 -7.66 -1.81
CA LYS A 6 -2.08 -8.69 -0.98
C LYS A 6 -0.62 -8.84 -1.30
N CYS A 7 0.17 -9.05 -0.26
CA CYS A 7 1.58 -8.81 -0.34
C CYS A 7 2.47 -9.70 0.49
N THR A 8 3.71 -9.81 -0.02
CA THR A 8 4.85 -10.47 0.58
C THR A 8 5.90 -9.44 0.98
N SER A 9 5.61 -8.15 0.73
CA SER A 9 6.58 -7.09 0.89
C SER A 9 5.88 -5.76 0.73
N PRO A 10 6.34 -4.64 1.31
CA PRO A 10 5.69 -3.34 1.16
C PRO A 10 5.74 -2.84 -0.28
N LYS A 11 6.82 -3.18 -1.00
CA LYS A 11 7.09 -2.84 -2.39
C LYS A 11 5.91 -3.06 -3.30
N GLN A 12 5.29 -4.23 -3.12
CA GLN A 12 4.20 -4.71 -3.95
C GLN A 12 2.92 -3.91 -3.82
N CYS A 13 2.78 -3.11 -2.74
CA CYS A 13 1.65 -2.21 -2.59
C CYS A 13 1.99 -0.78 -2.95
N LEU A 14 3.26 -0.46 -3.20
CA LEU A 14 3.69 0.91 -3.43
C LEU A 14 3.12 1.52 -4.72
N PRO A 15 3.12 0.88 -5.89
CA PRO A 15 2.40 1.38 -7.07
C PRO A 15 0.89 1.58 -6.88
N PRO A 16 0.02 0.73 -6.31
CA PRO A 16 -1.39 1.09 -6.12
C PRO A 16 -1.58 2.18 -5.10
N CYS A 17 -0.75 2.21 -4.05
CA CYS A 17 -0.76 3.29 -3.08
C CYS A 17 -0.52 4.63 -3.72
N LYS A 18 0.48 4.69 -4.59
CA LYS A 18 0.75 5.84 -5.41
C LYS A 18 -0.22 6.14 -6.53
N ALA A 19 -1.14 5.22 -6.83
CA ALA A 19 -2.09 5.37 -7.91
C ALA A 19 -3.13 6.40 -7.57
N GLN A 20 -3.89 6.06 -6.54
CA GLN A 20 -5.09 6.70 -6.11
C GLN A 20 -4.93 7.30 -4.75
N PHE A 21 -4.13 6.64 -3.89
CA PHE A 21 -4.25 6.81 -2.47
C PHE A 21 -3.33 7.85 -1.88
N GLY A 22 -2.25 8.29 -2.56
CA GLY A 22 -1.59 9.46 -2.04
C GLY A 22 -0.55 10.07 -2.92
N ILE A 23 -0.12 11.29 -2.55
CA ILE A 23 0.71 12.15 -3.34
C ILE A 23 2.12 11.61 -3.43
N ARG A 24 2.71 11.26 -2.30
CA ARG A 24 4.02 10.68 -2.20
C ARG A 24 3.88 9.40 -1.36
N ALA A 25 2.69 8.76 -1.50
CA ALA A 25 2.13 7.69 -0.66
C ALA A 25 3.05 6.60 -0.14
N GLY A 26 2.69 6.02 1.02
CA GLY A 26 3.46 4.94 1.60
C GLY A 26 2.62 3.72 1.62
N ALA A 27 3.26 2.57 1.83
CA ALA A 27 2.60 1.32 1.69
C ALA A 27 3.34 0.32 2.53
N LYS A 28 2.63 -0.46 3.36
CA LYS A 28 3.31 -1.52 4.06
C LYS A 28 2.37 -2.65 4.26
N CYS A 29 2.92 -3.81 4.63
CA CYS A 29 2.22 -5.07 4.58
C CYS A 29 2.14 -5.71 5.94
N MET A 30 0.98 -6.25 6.31
CA MET A 30 0.79 -7.06 7.47
C MET A 30 -0.43 -7.91 7.28
N ASN A 31 -0.42 -9.16 7.80
CA ASN A 31 -1.45 -10.18 7.61
C ASN A 31 -1.59 -10.54 6.13
N GLY A 32 -0.45 -10.45 5.42
CA GLY A 32 -0.36 -10.61 3.96
C GLY A 32 -1.11 -9.59 3.15
N LYS A 33 -1.47 -8.41 3.71
CA LYS A 33 -2.30 -7.48 3.00
C LYS A 33 -1.91 -6.07 3.39
N CYS A 34 -2.12 -5.10 2.50
CA CYS A 34 -1.58 -3.76 2.65
C CYS A 34 -2.17 -2.90 3.75
N LYS A 35 -1.45 -1.83 4.11
CA LYS A 35 -1.78 -0.77 5.00
C LYS A 35 -1.07 0.41 4.40
N CYS A 36 -1.83 1.14 3.60
CA CYS A 36 -1.43 2.26 2.78
C CYS A 36 -1.48 3.58 3.55
N TYR A 37 -0.42 4.40 3.46
CA TYR A 37 -0.33 5.66 4.16
C TYR A 37 -0.61 6.75 3.15
N PRO A 38 -1.72 7.49 3.21
CA PRO A 38 -2.15 8.35 2.11
C PRO A 38 -1.53 9.73 2.18
N HIS A 39 -0.20 9.77 2.15
CA HIS A 39 0.60 10.94 2.33
C HIS A 39 1.93 10.67 1.59
N THR A 1 -6.74 2.31 7.01
CA THR A 1 -6.70 2.03 5.53
C THR A 1 -6.22 0.63 5.22
N VAL A 2 -6.70 0.05 4.12
CA VAL A 2 -6.29 -1.19 3.53
C VAL A 2 -6.83 -1.05 2.14
N ILE A 3 -6.21 -1.76 1.21
CA ILE A 3 -6.67 -2.14 -0.06
C ILE A 3 -6.39 -3.62 -0.05
N ASP A 4 -7.14 -4.37 -0.84
CA ASP A 4 -7.05 -5.81 -0.95
C ASP A 4 -6.05 -6.24 -2.02
N VAL A 5 -4.92 -5.53 -2.01
CA VAL A 5 -3.72 -5.83 -2.71
C VAL A 5 -2.91 -6.65 -1.74
N LYS A 6 -2.68 -7.92 -2.09
CA LYS A 6 -2.23 -8.92 -1.15
C LYS A 6 -0.76 -9.14 -1.36
N CYS A 7 -0.01 -9.25 -0.26
CA CYS A 7 1.43 -9.11 -0.35
C CYS A 7 2.28 -10.02 0.50
N THR A 8 3.47 -10.27 -0.07
CA THR A 8 4.61 -10.98 0.50
C THR A 8 5.77 -10.02 0.67
N SER A 9 5.54 -8.71 0.46
CA SER A 9 6.60 -7.72 0.50
C SER A 9 5.98 -6.35 0.55
N PRO A 10 6.57 -5.32 1.15
CA PRO A 10 6.00 -3.97 1.15
C PRO A 10 6.00 -3.35 -0.23
N LYS A 11 6.92 -3.79 -1.10
CA LYS A 11 7.09 -3.35 -2.48
C LYS A 11 5.78 -3.34 -3.26
N GLN A 12 5.01 -4.42 -3.08
CA GLN A 12 3.76 -4.69 -3.78
C GLN A 12 2.65 -3.70 -3.43
N CYS A 13 2.81 -2.98 -2.31
CA CYS A 13 1.87 -1.97 -1.85
C CYS A 13 2.14 -0.62 -2.52
N LEU A 14 3.39 -0.39 -2.97
CA LEU A 14 3.85 0.90 -3.42
C LEU A 14 3.18 1.41 -4.69
N PRO A 15 3.11 0.70 -5.83
CA PRO A 15 2.38 1.20 -6.99
C PRO A 15 0.87 1.37 -6.80
N PRO A 16 0.00 0.60 -6.12
CA PRO A 16 -1.39 1.01 -5.91
C PRO A 16 -1.50 2.16 -4.95
N CYS A 17 -0.67 2.19 -3.90
CA CYS A 17 -0.66 3.28 -2.96
C CYS A 17 -0.41 4.61 -3.64
N LYS A 18 0.56 4.64 -4.55
CA LYS A 18 0.84 5.80 -5.36
C LYS A 18 -0.19 6.16 -6.41
N ALA A 19 -1.05 5.21 -6.76
CA ALA A 19 -2.03 5.32 -7.81
C ALA A 19 -3.17 6.24 -7.45
N GLN A 20 -3.92 5.72 -6.49
CA GLN A 20 -5.25 6.06 -6.13
C GLN A 20 -5.24 6.93 -4.89
N PHE A 21 -4.34 6.58 -3.97
CA PHE A 21 -4.36 7.09 -2.64
C PHE A 21 -3.46 8.30 -2.42
N GLY A 22 -2.23 8.28 -2.93
CA GLY A 22 -1.45 9.50 -2.88
C GLY A 22 -0.05 9.37 -3.39
N ILE A 23 0.44 10.42 -4.07
CA ILE A 23 1.71 10.40 -4.74
C ILE A 23 2.87 10.41 -3.77
N ARG A 24 2.73 11.15 -2.66
CA ARG A 24 3.75 11.21 -1.63
C ARG A 24 3.67 10.01 -0.68
N ALA A 25 2.46 9.39 -0.60
CA ALA A 25 2.02 8.41 0.38
C ALA A 25 2.94 7.25 0.73
N GLY A 26 2.76 6.65 1.93
CA GLY A 26 3.64 5.58 2.41
C GLY A 26 2.91 4.30 2.28
N ALA A 27 3.57 3.18 2.31
CA ALA A 27 2.95 1.97 1.84
C ALA A 27 3.66 0.82 2.47
N LYS A 28 2.94 -0.11 3.12
CA LYS A 28 3.62 -1.31 3.55
C LYS A 28 2.67 -2.46 3.64
N CYS A 29 3.21 -3.66 3.83
CA CYS A 29 2.45 -4.88 3.91
C CYS A 29 2.18 -5.19 5.37
N MET A 30 0.93 -5.54 5.70
CA MET A 30 0.58 -5.95 7.03
C MET A 30 -0.61 -6.85 6.99
N ASN A 31 -0.52 -7.97 7.72
CA ASN A 31 -1.44 -9.09 7.77
C ASN A 31 -1.72 -9.68 6.40
N GLY A 32 -0.68 -9.60 5.55
CA GLY A 32 -0.70 -10.06 4.17
C GLY A 32 -1.37 -9.14 3.19
N LYS A 33 -1.74 -7.88 3.57
CA LYS A 33 -2.36 -6.97 2.64
C LYS A 33 -1.75 -5.58 2.80
N CYS A 34 -1.85 -4.77 1.74
CA CYS A 34 -1.30 -3.43 1.65
C CYS A 34 -2.00 -2.43 2.53
N LYS A 35 -1.16 -1.55 3.09
CA LYS A 35 -1.50 -0.60 4.10
C LYS A 35 -0.83 0.64 3.59
N CYS A 36 -1.54 1.32 2.69
CA CYS A 36 -1.22 2.64 2.18
C CYS A 36 -1.58 3.70 3.19
N TYR A 37 -0.66 4.64 3.43
CA TYR A 37 -0.79 5.73 4.35
C TYR A 37 -0.89 6.98 3.50
N PRO A 38 -2.06 7.51 3.16
CA PRO A 38 -2.19 8.66 2.27
C PRO A 38 -1.84 9.97 2.96
N HIS A 39 -0.54 10.18 3.22
CA HIS A 39 0.01 11.48 3.53
C HIS A 39 1.06 11.82 2.47
N THR A 1 -5.21 4.15 3.70
CA THR A 1 -6.25 3.11 3.40
C THR A 1 -5.71 1.72 3.61
N VAL A 2 -6.55 0.70 3.42
CA VAL A 2 -6.23 -0.69 3.43
C VAL A 2 -6.99 -1.08 2.20
N ILE A 3 -6.39 -1.93 1.39
CA ILE A 3 -6.88 -2.52 0.21
C ILE A 3 -6.46 -3.95 0.39
N ASP A 4 -7.18 -4.86 -0.29
CA ASP A 4 -6.90 -6.26 -0.36
C ASP A 4 -6.07 -6.58 -1.59
N VAL A 5 -4.96 -5.82 -1.70
CA VAL A 5 -3.85 -6.17 -2.55
C VAL A 5 -2.94 -6.98 -1.66
N LYS A 6 -2.93 -8.32 -1.81
CA LYS A 6 -2.13 -9.15 -0.94
C LYS A 6 -0.66 -9.08 -1.26
N CYS A 7 0.15 -8.97 -0.20
CA CYS A 7 1.57 -8.71 -0.34
C CYS A 7 2.43 -9.94 -0.19
N THR A 8 3.61 -9.86 -0.83
CA THR A 8 4.70 -10.82 -0.75
C THR A 8 5.97 -10.06 -0.42
N SER A 9 5.82 -8.74 -0.21
CA SER A 9 6.88 -7.81 0.12
C SER A 9 6.18 -6.49 0.32
N PRO A 10 6.67 -5.50 1.03
CA PRO A 10 6.00 -4.19 1.13
C PRO A 10 6.08 -3.42 -0.16
N LYS A 11 7.07 -3.73 -1.02
CA LYS A 11 7.33 -2.99 -2.25
C LYS A 11 6.13 -2.94 -3.19
N GLN A 12 5.44 -4.09 -3.33
CA GLN A 12 4.26 -4.22 -4.17
C GLN A 12 3.02 -3.50 -3.66
N CYS A 13 3.07 -2.95 -2.43
CA CYS A 13 2.01 -2.10 -1.91
C CYS A 13 2.19 -0.66 -2.41
N LEU A 14 3.44 -0.25 -2.75
CA LEU A 14 3.73 1.11 -3.14
C LEU A 14 3.08 1.56 -4.44
N PRO A 15 3.10 0.87 -5.59
CA PRO A 15 2.35 1.30 -6.77
C PRO A 15 0.82 1.33 -6.58
N PRO A 16 0.03 0.49 -5.90
CA PRO A 16 -1.38 0.79 -5.66
C PRO A 16 -1.56 1.96 -4.74
N CYS A 17 -0.71 2.11 -3.72
CA CYS A 17 -0.75 3.28 -2.86
C CYS A 17 -0.56 4.57 -3.65
N LYS A 18 0.33 4.54 -4.63
CA LYS A 18 0.56 5.61 -5.56
C LYS A 18 -0.53 5.89 -6.58
N ALA A 19 -1.48 4.95 -6.72
CA ALA A 19 -2.48 4.94 -7.77
C ALA A 19 -3.52 6.02 -7.63
N GLN A 20 -3.84 6.30 -6.37
CA GLN A 20 -4.92 7.16 -5.98
C GLN A 20 -4.80 7.59 -4.53
N PHE A 21 -4.16 6.76 -3.66
CA PHE A 21 -4.11 7.05 -2.26
C PHE A 21 -3.06 8.08 -1.89
N GLY A 22 -2.09 8.34 -2.78
CA GLY A 22 -1.40 9.62 -2.80
C GLY A 22 -0.08 9.56 -3.50
N ILE A 23 0.40 10.70 -4.04
CA ILE A 23 1.66 10.77 -4.75
C ILE A 23 2.85 10.61 -3.85
N ARG A 24 2.82 11.27 -2.68
CA ARG A 24 3.83 11.10 -1.65
C ARG A 24 3.66 9.78 -0.91
N ALA A 25 2.39 9.30 -0.83
CA ALA A 25 1.90 8.28 0.09
C ALA A 25 2.72 7.02 0.30
N GLY A 26 2.59 6.44 1.50
CA GLY A 26 3.44 5.36 1.98
C GLY A 26 2.71 4.07 1.94
N ALA A 27 3.38 2.96 2.26
CA ALA A 27 2.85 1.66 1.97
C ALA A 27 3.42 0.64 2.93
N LYS A 28 2.55 -0.21 3.53
CA LYS A 28 2.96 -1.31 4.38
C LYS A 28 2.34 -2.60 3.94
N CYS A 29 3.02 -3.71 4.28
CA CYS A 29 2.46 -5.03 4.24
C CYS A 29 2.10 -5.43 5.65
N MET A 30 0.82 -5.68 5.95
CA MET A 30 0.41 -6.13 7.27
C MET A 30 -0.78 -7.04 7.17
N ASN A 31 -0.75 -8.15 7.93
CA ASN A 31 -1.64 -9.29 7.89
C ASN A 31 -1.80 -9.89 6.50
N GLY A 32 -0.70 -9.75 5.73
CA GLY A 32 -0.59 -10.21 4.35
C GLY A 32 -1.20 -9.31 3.31
N LYS A 33 -1.70 -8.11 3.68
CA LYS A 33 -2.44 -7.23 2.80
C LYS A 33 -1.90 -5.82 2.95
N CYS A 34 -2.01 -5.02 1.89
CA CYS A 34 -1.49 -3.66 1.77
C CYS A 34 -2.17 -2.59 2.61
N LYS A 35 -1.34 -1.67 3.11
CA LYS A 35 -1.64 -0.68 4.12
C LYS A 35 -1.02 0.62 3.69
N CYS A 36 -1.69 1.33 2.80
CA CYS A 36 -1.32 2.65 2.36
C CYS A 36 -1.47 3.75 3.39
N TYR A 37 -0.42 4.58 3.55
CA TYR A 37 -0.42 5.74 4.41
C TYR A 37 -0.75 6.91 3.52
N PRO A 38 -1.95 7.47 3.46
CA PRO A 38 -2.29 8.52 2.51
C PRO A 38 -1.82 9.88 2.98
N HIS A 39 -0.51 10.14 2.94
CA HIS A 39 0.03 11.43 3.23
C HIS A 39 1.14 11.76 2.22
N THR A 1 -5.14 4.47 4.20
CA THR A 1 -6.28 3.58 3.80
C THR A 1 -5.88 2.14 3.88
N VAL A 2 -6.80 1.22 3.57
CA VAL A 2 -6.55 -0.20 3.55
C VAL A 2 -7.23 -0.58 2.27
N ILE A 3 -6.51 -1.28 1.41
CA ILE A 3 -6.95 -1.79 0.15
C ILE A 3 -7.20 -3.29 0.34
N ASP A 4 -7.01 -4.08 -0.71
CA ASP A 4 -6.96 -5.51 -0.65
C ASP A 4 -5.91 -6.04 -1.61
N VAL A 5 -4.82 -5.26 -1.67
CA VAL A 5 -3.60 -5.56 -2.36
C VAL A 5 -2.79 -6.43 -1.42
N LYS A 6 -2.49 -7.65 -1.87
CA LYS A 6 -1.90 -8.66 -1.03
C LYS A 6 -0.43 -8.76 -1.33
N CYS A 7 0.38 -9.00 -0.29
CA CYS A 7 1.80 -8.73 -0.39
C CYS A 7 2.73 -9.72 0.29
N THR A 8 3.91 -9.80 -0.34
CA THR A 8 5.09 -10.54 0.08
C THR A 8 6.18 -9.56 0.50
N SER A 9 5.86 -8.26 0.46
CA SER A 9 6.78 -7.18 0.71
C SER A 9 5.95 -5.91 0.62
N PRO A 10 6.15 -4.83 1.36
CA PRO A 10 5.31 -3.62 1.26
C PRO A 10 5.41 -2.94 -0.08
N LYS A 11 6.54 -3.11 -0.78
CA LYS A 11 6.83 -2.56 -2.09
C LYS A 11 5.79 -2.90 -3.14
N GLN A 12 5.16 -4.08 -3.02
CA GLN A 12 4.10 -4.55 -3.91
C GLN A 12 2.87 -3.67 -3.91
N CYS A 13 2.64 -2.96 -2.79
CA CYS A 13 1.51 -2.06 -2.65
C CYS A 13 1.89 -0.61 -2.86
N LEU A 14 3.18 -0.33 -3.13
CA LEU A 14 3.64 1.02 -3.43
C LEU A 14 3.02 1.60 -4.70
N PRO A 15 2.99 0.96 -5.89
CA PRO A 15 2.28 1.51 -7.03
C PRO A 15 0.76 1.64 -6.87
N PRO A 16 -0.09 0.86 -6.19
CA PRO A 16 -1.48 1.26 -5.95
C PRO A 16 -1.61 2.39 -4.96
N CYS A 17 -0.77 2.42 -3.94
CA CYS A 17 -0.76 3.50 -2.97
C CYS A 17 -0.50 4.83 -3.66
N LYS A 18 0.57 4.89 -4.43
CA LYS A 18 0.87 6.02 -5.29
C LYS A 18 -0.02 6.17 -6.51
N ALA A 19 -0.97 5.26 -6.73
CA ALA A 19 -1.93 5.39 -7.81
C ALA A 19 -2.94 6.48 -7.51
N GLN A 20 -3.74 6.14 -6.51
CA GLN A 20 -4.99 6.72 -6.16
C GLN A 20 -4.96 7.39 -4.81
N PHE A 21 -4.12 6.89 -3.89
CA PHE A 21 -4.19 7.30 -2.51
C PHE A 21 -3.29 8.46 -2.12
N GLY A 22 -2.19 8.74 -2.86
CA GLY A 22 -1.48 9.98 -2.58
C GLY A 22 -0.29 10.24 -3.45
N ILE A 23 0.34 11.39 -3.27
CA ILE A 23 1.50 11.85 -3.99
C ILE A 23 2.78 11.11 -3.64
N ARG A 24 3.02 10.89 -2.35
CA ARG A 24 4.22 10.27 -1.81
C ARG A 24 3.76 9.04 -1.03
N ALA A 25 2.49 8.63 -1.24
CA ALA A 25 1.84 7.56 -0.53
C ALA A 25 2.52 6.21 -0.57
N GLY A 26 2.42 5.47 0.54
CA GLY A 26 3.28 4.33 0.79
C GLY A 26 2.52 3.27 1.48
N ALA A 27 3.15 2.13 1.76
CA ALA A 27 2.43 0.95 2.11
C ALA A 27 3.18 0.18 3.16
N LYS A 28 2.43 -0.40 4.09
CA LYS A 28 2.90 -1.38 5.02
C LYS A 28 2.23 -2.67 4.67
N CYS A 29 2.96 -3.79 4.73
CA CYS A 29 2.37 -5.11 4.57
C CYS A 29 2.20 -5.74 5.94
N MET A 30 1.02 -6.28 6.25
CA MET A 30 0.84 -7.06 7.45
C MET A 30 -0.23 -8.09 7.23
N ASN A 31 -0.01 -9.31 7.71
CA ASN A 31 -0.90 -10.46 7.60
C ASN A 31 -1.12 -10.84 6.13
N GLY A 32 -0.11 -10.52 5.30
CA GLY A 32 -0.14 -10.71 3.86
C GLY A 32 -0.91 -9.67 3.08
N LYS A 33 -1.35 -8.55 3.68
CA LYS A 33 -2.14 -7.56 2.98
C LYS A 33 -1.74 -6.16 3.41
N CYS A 34 -1.92 -5.20 2.48
CA CYS A 34 -1.51 -3.82 2.62
C CYS A 34 -2.26 -2.95 3.61
N LYS A 35 -1.57 -1.92 4.11
CA LYS A 35 -2.04 -0.90 5.00
C LYS A 35 -1.31 0.35 4.57
N CYS A 36 -1.98 1.06 3.67
CA CYS A 36 -1.54 2.22 2.94
C CYS A 36 -1.55 3.53 3.73
N TYR A 37 -0.50 4.35 3.59
CA TYR A 37 -0.36 5.68 4.14
C TYR A 37 -0.69 6.64 3.03
N PRO A 38 -1.86 7.26 2.96
CA PRO A 38 -2.22 8.07 1.81
C PRO A 38 -1.70 9.49 1.94
N HIS A 39 -0.39 9.71 1.79
CA HIS A 39 0.17 11.04 1.86
C HIS A 39 1.37 11.24 0.91
N THR A 1 -5.19 4.26 3.76
CA THR A 1 -6.26 3.27 3.40
C THR A 1 -5.78 1.85 3.57
N VAL A 2 -6.68 0.88 3.33
CA VAL A 2 -6.40 -0.53 3.31
C VAL A 2 -7.12 -0.87 2.04
N ILE A 3 -6.48 -1.70 1.22
CA ILE A 3 -6.91 -2.27 0.01
C ILE A 3 -6.57 -3.71 0.23
N ASP A 4 -7.27 -4.59 -0.48
CA ASP A 4 -7.13 -6.02 -0.48
C ASP A 4 -6.19 -6.47 -1.60
N VAL A 5 -5.05 -5.77 -1.66
CA VAL A 5 -3.90 -6.08 -2.46
C VAL A 5 -2.98 -6.87 -1.57
N LYS A 6 -2.61 -8.09 -1.99
CA LYS A 6 -1.89 -9.03 -1.13
C LYS A 6 -0.40 -8.92 -1.33
N CYS A 7 0.36 -9.09 -0.25
CA CYS A 7 1.78 -8.91 -0.26
C CYS A 7 2.56 -9.81 0.67
N THR A 8 3.82 -10.00 0.28
CA THR A 8 4.92 -10.39 1.15
C THR A 8 5.90 -9.23 1.29
N SER A 9 5.92 -8.34 0.29
CA SER A 9 6.88 -7.26 0.18
C SER A 9 6.17 -5.93 0.22
N PRO A 10 6.74 -4.85 0.76
CA PRO A 10 6.21 -3.50 0.57
C PRO A 10 6.31 -3.06 -0.88
N LYS A 11 7.14 -3.73 -1.70
CA LYS A 11 7.26 -3.39 -3.10
C LYS A 11 5.92 -3.51 -3.86
N GLN A 12 5.19 -4.59 -3.55
CA GLN A 12 3.86 -4.88 -4.06
C GLN A 12 2.79 -3.89 -3.63
N CYS A 13 3.09 -3.09 -2.61
CA CYS A 13 2.22 -2.06 -2.13
C CYS A 13 2.38 -0.79 -2.95
N LEU A 14 3.57 -0.55 -3.53
CA LEU A 14 3.96 0.78 -3.96
C LEU A 14 3.19 1.29 -5.20
N PRO A 15 3.11 0.60 -6.34
CA PRO A 15 2.27 1.03 -7.45
C PRO A 15 0.78 1.20 -7.12
N PRO A 16 0.00 0.34 -6.44
CA PRO A 16 -1.39 0.66 -6.11
C PRO A 16 -1.49 1.81 -5.14
N CYS A 17 -0.59 1.90 -4.16
CA CYS A 17 -0.65 2.95 -3.19
C CYS A 17 -0.43 4.32 -3.79
N LYS A 18 0.46 4.42 -4.78
CA LYS A 18 0.62 5.61 -5.59
C LYS A 18 -0.50 5.93 -6.57
N ALA A 19 -1.43 5.00 -6.78
CA ALA A 19 -2.42 5.05 -7.86
C ALA A 19 -3.48 6.10 -7.63
N GLN A 20 -3.80 6.29 -6.34
CA GLN A 20 -4.85 7.14 -5.89
C GLN A 20 -4.72 7.43 -4.41
N PHE A 21 -4.11 6.52 -3.62
CA PHE A 21 -4.06 6.64 -2.20
C PHE A 21 -3.02 7.63 -1.72
N GLY A 22 -2.08 8.01 -2.60
CA GLY A 22 -1.47 9.33 -2.54
C GLY A 22 -0.13 9.38 -3.21
N ILE A 23 0.27 10.58 -3.66
CA ILE A 23 1.47 10.80 -4.43
C ILE A 23 2.72 10.62 -3.62
N ARG A 24 2.72 11.13 -2.38
CA ARG A 24 3.79 10.94 -1.44
C ARG A 24 3.56 9.70 -0.58
N ALA A 25 2.30 9.22 -0.53
CA ALA A 25 1.77 8.26 0.43
C ALA A 25 2.59 7.02 0.71
N GLY A 26 2.58 6.54 1.97
CA GLY A 26 3.45 5.45 2.38
C GLY A 26 2.69 4.20 2.23
N ALA A 27 3.37 3.06 2.24
CA ALA A 27 2.72 1.85 1.87
C ALA A 27 3.48 0.67 2.41
N LYS A 28 2.82 -0.21 3.16
CA LYS A 28 3.54 -1.36 3.69
C LYS A 28 2.58 -2.50 3.90
N CYS A 29 3.12 -3.68 4.18
CA CYS A 29 2.33 -4.89 4.28
C CYS A 29 2.04 -5.27 5.71
N MET A 30 0.82 -5.73 6.01
CA MET A 30 0.47 -6.37 7.25
C MET A 30 -0.84 -7.11 7.07
N ASN A 31 -1.06 -8.25 7.78
CA ASN A 31 -2.23 -9.10 7.60
C ASN A 31 -2.27 -9.69 6.19
N GLY A 32 -1.05 -9.86 5.61
CA GLY A 32 -0.85 -10.28 4.23
C GLY A 32 -1.30 -9.30 3.18
N LYS A 33 -1.63 -8.04 3.53
CA LYS A 33 -2.18 -7.14 2.56
C LYS A 33 -1.79 -5.71 2.87
N CYS A 34 -1.97 -4.82 1.91
CA CYS A 34 -1.41 -3.49 1.97
C CYS A 34 -2.01 -2.57 3.02
N LYS A 35 -1.21 -1.60 3.47
CA LYS A 35 -1.45 -0.68 4.53
C LYS A 35 -0.85 0.61 4.03
N CYS A 36 -1.65 1.35 3.26
CA CYS A 36 -1.36 2.66 2.76
C CYS A 36 -1.51 3.74 3.81
N TYR A 37 -0.47 4.58 4.01
CA TYR A 37 -0.48 5.70 4.90
C TYR A 37 -0.77 6.90 4.03
N PRO A 38 -1.98 7.47 3.98
CA PRO A 38 -2.34 8.43 2.95
C PRO A 38 -1.90 9.84 3.31
N HIS A 39 -0.59 10.06 3.36
CA HIS A 39 -0.01 11.37 3.48
C HIS A 39 1.18 11.50 2.52
N THR A 1 -5.47 3.92 5.09
CA THR A 1 -6.39 3.11 4.22
C THR A 1 -5.91 1.69 4.08
N VAL A 2 -6.71 0.83 3.45
CA VAL A 2 -6.45 -0.57 3.28
C VAL A 2 -6.95 -0.77 1.89
N ILE A 3 -6.21 -1.50 1.08
CA ILE A 3 -6.56 -2.11 -0.14
C ILE A 3 -6.27 -3.55 0.12
N ASP A 4 -6.92 -4.42 -0.64
CA ASP A 4 -6.74 -5.84 -0.66
C ASP A 4 -5.71 -6.26 -1.70
N VAL A 5 -4.61 -5.50 -1.71
CA VAL A 5 -3.41 -5.83 -2.43
C VAL A 5 -2.65 -6.74 -1.51
N LYS A 6 -2.44 -7.99 -1.95
CA LYS A 6 -1.91 -9.04 -1.11
C LYS A 6 -0.45 -9.24 -1.41
N CYS A 7 0.32 -9.44 -0.35
CA CYS A 7 1.74 -9.22 -0.42
C CYS A 7 2.59 -9.99 0.56
N THR A 8 3.89 -10.04 0.22
CA THR A 8 4.97 -10.44 1.11
C THR A 8 5.83 -9.23 1.48
N SER A 9 5.70 -8.15 0.71
CA SER A 9 6.51 -6.95 0.86
C SER A 9 5.63 -5.74 0.66
N PRO A 10 5.86 -4.57 1.26
CA PRO A 10 5.17 -3.35 0.87
C PRO A 10 5.45 -2.94 -0.55
N LYS A 11 6.55 -3.44 -1.14
CA LYS A 11 6.96 -3.15 -2.52
C LYS A 11 5.85 -3.38 -3.53
N GLN A 12 5.16 -4.51 -3.37
CA GLN A 12 4.07 -4.97 -4.22
C GLN A 12 2.85 -4.08 -4.18
N CYS A 13 2.71 -3.29 -3.09
CA CYS A 13 1.61 -2.37 -2.94
C CYS A 13 2.00 -0.97 -3.33
N LEU A 14 3.28 -0.70 -3.61
CA LEU A 14 3.74 0.66 -3.84
C LEU A 14 3.12 1.31 -5.09
N PRO A 15 3.10 0.71 -6.29
CA PRO A 15 2.38 1.26 -7.44
C PRO A 15 0.89 1.52 -7.23
N PRO A 16 -0.01 0.69 -6.67
CA PRO A 16 -1.38 1.10 -6.41
C PRO A 16 -1.49 2.14 -5.32
N CYS A 17 -0.68 2.06 -4.28
CA CYS A 17 -0.73 3.00 -3.17
C CYS A 17 -0.41 4.41 -3.61
N LYS A 18 0.55 4.56 -4.53
CA LYS A 18 0.87 5.84 -5.14
C LYS A 18 -0.16 6.38 -6.12
N ALA A 19 -1.18 5.58 -6.46
CA ALA A 19 -2.14 5.88 -7.51
C ALA A 19 -3.09 6.99 -7.15
N GLN A 20 -3.85 6.69 -6.09
CA GLN A 20 -5.02 7.41 -5.69
C GLN A 20 -5.03 7.73 -4.21
N PHE A 21 -4.33 6.94 -3.36
CA PHE A 21 -3.96 7.38 -2.05
C PHE A 21 -2.80 8.37 -2.16
N GLY A 22 -1.93 8.16 -3.17
CA GLY A 22 -1.41 9.24 -3.98
C GLY A 22 0.02 9.63 -3.74
N ILE A 23 0.34 10.90 -4.05
CA ILE A 23 1.68 11.38 -4.21
C ILE A 23 2.43 11.46 -2.92
N ARG A 24 1.73 11.76 -1.82
CA ARG A 24 2.28 11.74 -0.50
C ARG A 24 2.43 10.30 -0.01
N ALA A 25 1.50 9.41 -0.37
CA ALA A 25 1.26 8.15 0.32
C ALA A 25 2.36 7.10 0.29
N GLY A 26 2.26 6.11 1.20
CA GLY A 26 3.18 4.97 1.26
C GLY A 26 2.43 3.81 1.81
N ALA A 27 3.01 2.61 1.75
CA ALA A 27 2.32 1.40 2.01
C ALA A 27 3.11 0.55 2.97
N LYS A 28 2.38 -0.23 3.76
CA LYS A 28 2.90 -1.32 4.55
C LYS A 28 2.24 -2.56 4.05
N CYS A 29 2.93 -3.69 4.22
CA CYS A 29 2.33 -5.00 4.13
C CYS A 29 2.26 -5.59 5.53
N MET A 30 1.09 -6.02 5.98
CA MET A 30 0.93 -6.71 7.24
C MET A 30 -0.32 -7.56 7.17
N ASN A 31 -0.27 -8.74 7.83
CA ASN A 31 -1.27 -9.80 7.76
C ASN A 31 -1.38 -10.33 6.32
N GLY A 32 -0.26 -10.24 5.59
CA GLY A 32 -0.16 -10.57 4.17
C GLY A 32 -0.87 -9.61 3.24
N LYS A 33 -1.36 -8.44 3.71
CA LYS A 33 -2.12 -7.56 2.85
C LYS A 33 -1.73 -6.13 3.15
N CYS A 34 -1.99 -5.21 2.21
CA CYS A 34 -1.52 -3.85 2.29
C CYS A 34 -2.16 -3.00 3.38
N LYS A 35 -1.55 -1.87 3.70
CA LYS A 35 -2.01 -0.87 4.63
C LYS A 35 -1.31 0.40 4.31
N CYS A 36 -2.02 1.21 3.54
CA CYS A 36 -1.64 2.46 2.97
C CYS A 36 -1.82 3.63 3.92
N TYR A 37 -0.80 4.50 3.99
CA TYR A 37 -0.75 5.69 4.79
C TYR A 37 -0.94 6.85 3.83
N PRO A 38 -1.69 7.90 4.07
CA PRO A 38 -1.57 9.15 3.30
C PRO A 38 -0.46 10.02 3.84
N HIS A 39 0.65 9.37 4.16
CA HIS A 39 1.80 9.92 4.82
C HIS A 39 2.99 8.94 4.68
N THR A 1 -5.47 3.92 5.09
CA THR A 1 -6.39 3.11 4.22
C THR A 1 -5.91 1.69 4.08
N VAL A 2 -6.71 0.83 3.45
CA VAL A 2 -6.45 -0.57 3.28
C VAL A 2 -6.95 -0.77 1.89
N ILE A 3 -6.21 -1.50 1.08
CA ILE A 3 -6.56 -2.11 -0.14
C ILE A 3 -6.27 -3.55 0.12
N ASP A 4 -6.92 -4.42 -0.64
CA ASP A 4 -6.74 -5.84 -0.66
C ASP A 4 -5.71 -6.26 -1.70
N VAL A 5 -4.61 -5.50 -1.71
CA VAL A 5 -3.41 -5.83 -2.43
C VAL A 5 -2.65 -6.74 -1.51
N LYS A 6 -2.44 -7.99 -1.95
CA LYS A 6 -1.91 -9.04 -1.11
C LYS A 6 -0.45 -9.24 -1.41
N CYS A 7 0.32 -9.44 -0.35
CA CYS A 7 1.74 -9.22 -0.42
C CYS A 7 2.59 -9.99 0.56
N THR A 8 3.89 -10.04 0.22
CA THR A 8 4.97 -10.44 1.11
C THR A 8 5.83 -9.23 1.48
N SER A 9 5.70 -8.15 0.71
CA SER A 9 6.51 -6.95 0.86
C SER A 9 5.63 -5.74 0.66
N PRO A 10 5.86 -4.57 1.26
CA PRO A 10 5.17 -3.35 0.87
C PRO A 10 5.45 -2.94 -0.55
N LYS A 11 6.55 -3.44 -1.14
CA LYS A 11 6.96 -3.15 -2.52
C LYS A 11 5.85 -3.38 -3.53
N GLN A 12 5.16 -4.51 -3.37
CA GLN A 12 4.07 -4.97 -4.22
C GLN A 12 2.85 -4.08 -4.18
N CYS A 13 2.71 -3.29 -3.09
CA CYS A 13 1.61 -2.37 -2.94
C CYS A 13 2.00 -0.97 -3.33
N LEU A 14 3.28 -0.70 -3.61
CA LEU A 14 3.74 0.66 -3.84
C LEU A 14 3.12 1.31 -5.09
N PRO A 15 3.10 0.71 -6.29
CA PRO A 15 2.38 1.26 -7.44
C PRO A 15 0.89 1.52 -7.23
N PRO A 16 -0.01 0.69 -6.67
CA PRO A 16 -1.38 1.10 -6.41
C PRO A 16 -1.49 2.14 -5.32
N CYS A 17 -0.68 2.06 -4.28
CA CYS A 17 -0.73 3.00 -3.17
C CYS A 17 -0.41 4.41 -3.61
N LYS A 18 0.55 4.56 -4.53
CA LYS A 18 0.87 5.84 -5.14
C LYS A 18 -0.16 6.38 -6.12
N ALA A 19 -1.18 5.58 -6.46
CA ALA A 19 -2.14 5.88 -7.51
C ALA A 19 -3.09 6.99 -7.15
N GLN A 20 -3.85 6.69 -6.09
CA GLN A 20 -5.02 7.41 -5.69
C GLN A 20 -5.03 7.73 -4.21
N PHE A 21 -4.33 6.94 -3.36
CA PHE A 21 -3.96 7.38 -2.05
C PHE A 21 -2.80 8.37 -2.16
N GLY A 22 -1.93 8.16 -3.17
CA GLY A 22 -1.41 9.24 -3.98
C GLY A 22 0.02 9.63 -3.74
N ILE A 23 0.34 10.90 -4.05
CA ILE A 23 1.68 11.38 -4.21
C ILE A 23 2.43 11.46 -2.92
N ARG A 24 1.73 11.76 -1.82
CA ARG A 24 2.28 11.74 -0.50
C ARG A 24 2.43 10.30 -0.01
N ALA A 25 1.50 9.41 -0.37
CA ALA A 25 1.26 8.15 0.32
C ALA A 25 2.36 7.10 0.29
N GLY A 26 2.26 6.11 1.20
CA GLY A 26 3.18 4.97 1.26
C GLY A 26 2.43 3.81 1.81
N ALA A 27 3.01 2.61 1.75
CA ALA A 27 2.32 1.40 2.01
C ALA A 27 3.11 0.55 2.97
N LYS A 28 2.38 -0.23 3.76
CA LYS A 28 2.90 -1.32 4.55
C LYS A 28 2.24 -2.56 4.05
N CYS A 29 2.93 -3.69 4.22
CA CYS A 29 2.33 -5.00 4.13
C CYS A 29 2.26 -5.59 5.53
N MET A 30 1.09 -6.02 5.98
CA MET A 30 0.93 -6.71 7.24
C MET A 30 -0.32 -7.56 7.17
N ASN A 31 -0.27 -8.74 7.83
CA ASN A 31 -1.27 -9.80 7.76
C ASN A 31 -1.38 -10.33 6.32
N GLY A 32 -0.26 -10.24 5.59
CA GLY A 32 -0.16 -10.57 4.17
C GLY A 32 -0.87 -9.61 3.24
N LYS A 33 -1.36 -8.44 3.71
CA LYS A 33 -2.12 -7.56 2.85
C LYS A 33 -1.73 -6.13 3.15
N CYS A 34 -1.99 -5.21 2.21
CA CYS A 34 -1.52 -3.85 2.29
C CYS A 34 -2.16 -3.00 3.38
N LYS A 35 -1.55 -1.87 3.70
CA LYS A 35 -2.01 -0.87 4.63
C LYS A 35 -1.31 0.40 4.31
N CYS A 36 -2.02 1.21 3.54
CA CYS A 36 -1.64 2.46 2.97
C CYS A 36 -1.82 3.63 3.92
N TYR A 37 -0.80 4.50 3.99
CA TYR A 37 -0.75 5.69 4.79
C TYR A 37 -0.94 6.85 3.83
N PRO A 38 -1.69 7.90 4.07
CA PRO A 38 -1.57 9.15 3.30
C PRO A 38 -0.46 10.02 3.84
N HIS A 39 0.65 9.37 4.16
CA HIS A 39 1.80 9.92 4.82
C HIS A 39 2.99 8.94 4.68
N THR A 1 -6.20 2.37 7.18
CA THR A 1 -6.43 2.07 5.71
C THR A 1 -6.15 0.61 5.42
N VAL A 2 -6.77 0.05 4.37
CA VAL A 2 -6.58 -1.30 3.91
C VAL A 2 -6.98 -1.17 2.46
N ILE A 3 -6.25 -1.77 1.54
CA ILE A 3 -6.68 -2.18 0.27
C ILE A 3 -6.27 -3.64 0.29
N ASP A 4 -6.97 -4.47 -0.48
CA ASP A 4 -6.79 -5.90 -0.55
C ASP A 4 -5.97 -6.30 -1.76
N VAL A 5 -4.84 -5.61 -1.89
CA VAL A 5 -3.74 -5.99 -2.73
C VAL A 5 -2.84 -6.82 -1.85
N LYS A 6 -2.65 -8.11 -2.18
CA LYS A 6 -2.02 -9.06 -1.29
C LYS A 6 -0.52 -9.07 -1.46
N CYS A 7 0.24 -9.25 -0.36
CA CYS A 7 1.66 -9.10 -0.38
C CYS A 7 2.43 -10.00 0.56
N THR A 8 3.68 -10.23 0.12
CA THR A 8 4.82 -10.62 0.92
C THR A 8 5.60 -9.39 1.31
N SER A 9 5.72 -8.49 0.34
CA SER A 9 6.65 -7.37 0.38
C SER A 9 5.93 -6.05 0.57
N PRO A 10 6.48 -5.04 1.22
CA PRO A 10 5.96 -3.68 1.13
C PRO A 10 6.03 -3.12 -0.27
N LYS A 11 6.93 -3.62 -1.13
CA LYS A 11 7.08 -3.10 -2.48
C LYS A 11 5.84 -3.31 -3.33
N GLN A 12 5.14 -4.43 -3.12
CA GLN A 12 3.87 -4.75 -3.76
C GLN A 12 2.73 -3.79 -3.38
N CYS A 13 2.92 -3.00 -2.32
CA CYS A 13 1.97 -2.00 -1.88
C CYS A 13 2.22 -0.66 -2.55
N LEU A 14 3.45 -0.41 -3.06
CA LEU A 14 3.84 0.87 -3.61
C LEU A 14 3.06 1.27 -4.86
N PRO A 15 2.95 0.48 -5.94
CA PRO A 15 2.16 0.89 -7.10
C PRO A 15 0.65 1.03 -6.83
N PRO A 16 -0.15 0.30 -6.04
CA PRO A 16 -1.53 0.71 -5.76
C PRO A 16 -1.59 1.93 -4.90
N CYS A 17 -0.73 2.05 -3.89
CA CYS A 17 -0.70 3.19 -3.00
C CYS A 17 -0.50 4.48 -3.75
N LYS A 18 0.51 4.48 -4.62
CA LYS A 18 0.81 5.56 -5.53
C LYS A 18 -0.15 5.74 -6.70
N ALA A 19 -1.08 4.80 -6.90
CA ALA A 19 -2.06 4.87 -7.96
C ALA A 19 -3.07 5.96 -7.71
N GLN A 20 -3.87 5.64 -6.68
CA GLN A 20 -5.08 6.29 -6.30
C GLN A 20 -4.87 7.11 -5.05
N PHE A 21 -4.17 6.52 -4.07
CA PHE A 21 -4.30 6.87 -2.70
C PHE A 21 -3.39 7.99 -2.28
N GLY A 22 -2.25 8.22 -2.96
CA GLY A 22 -1.60 9.47 -2.68
C GLY A 22 -0.41 9.86 -3.50
N ILE A 23 -0.02 11.14 -3.36
CA ILE A 23 1.16 11.71 -3.97
C ILE A 23 2.42 11.21 -3.32
N ARG A 24 2.56 11.50 -2.02
CA ARG A 24 3.75 11.23 -1.25
C ARG A 24 3.53 10.03 -0.34
N ALA A 25 2.41 9.32 -0.56
CA ALA A 25 1.91 8.28 0.34
C ALA A 25 2.88 7.13 0.60
N GLY A 26 2.86 6.57 1.83
CA GLY A 26 3.76 5.51 2.25
C GLY A 26 3.02 4.23 2.17
N ALA A 27 3.70 3.09 2.26
CA ALA A 27 3.08 1.89 1.80
C ALA A 27 3.74 0.70 2.44
N LYS A 28 2.98 -0.20 3.08
CA LYS A 28 3.58 -1.41 3.61
C LYS A 28 2.61 -2.54 3.64
N CYS A 29 3.10 -3.73 4.00
CA CYS A 29 2.31 -4.93 4.07
C CYS A 29 1.97 -5.25 5.52
N MET A 30 0.74 -5.71 5.77
CA MET A 30 0.29 -6.24 7.04
C MET A 30 -1.01 -6.98 6.82
N ASN A 31 -1.27 -8.08 7.56
CA ASN A 31 -2.44 -8.95 7.36
C ASN A 31 -2.41 -9.59 5.98
N GLY A 32 -1.18 -9.77 5.45
CA GLY A 32 -0.94 -10.23 4.09
C GLY A 32 -1.38 -9.28 3.00
N LYS A 33 -1.66 -8.00 3.30
CA LYS A 33 -2.17 -7.09 2.31
C LYS A 33 -1.74 -5.66 2.60
N CYS A 34 -1.84 -4.80 1.59
CA CYS A 34 -1.31 -3.45 1.58
C CYS A 34 -1.94 -2.52 2.59
N LYS A 35 -1.14 -1.52 2.98
CA LYS A 35 -1.42 -0.53 3.97
C LYS A 35 -0.78 0.72 3.43
N CYS A 36 -1.52 1.43 2.57
CA CYS A 36 -1.15 2.74 2.07
C CYS A 36 -1.46 3.83 3.06
N TYR A 37 -0.48 4.69 3.38
CA TYR A 37 -0.56 5.76 4.33
C TYR A 37 -0.51 7.09 3.60
N PRO A 38 -1.61 7.76 3.27
CA PRO A 38 -1.60 9.14 2.81
C PRO A 38 -1.44 10.12 3.97
N HIS A 39 -0.27 10.09 4.62
CA HIS A 39 0.11 10.96 5.69
C HIS A 39 1.65 11.01 5.68
N THR A 1 -5.05 4.40 2.89
CA THR A 1 -6.20 3.42 2.88
C THR A 1 -5.77 2.04 3.26
N VAL A 2 -6.72 1.10 3.34
CA VAL A 2 -6.48 -0.30 3.45
C VAL A 2 -7.18 -0.78 2.21
N ILE A 3 -6.47 -1.54 1.43
CA ILE A 3 -6.83 -2.21 0.25
C ILE A 3 -6.33 -3.60 0.56
N ASP A 4 -6.95 -4.59 -0.06
CA ASP A 4 -6.59 -5.98 -0.02
C ASP A 4 -5.77 -6.35 -1.25
N VAL A 5 -4.72 -5.54 -1.46
CA VAL A 5 -3.60 -5.84 -2.31
C VAL A 5 -2.71 -6.75 -1.49
N LYS A 6 -2.41 -7.95 -2.00
CA LYS A 6 -1.68 -8.95 -1.26
C LYS A 6 -0.20 -8.65 -1.30
N CYS A 7 0.49 -8.92 -0.18
CA CYS A 7 1.89 -8.61 -0.09
C CYS A 7 2.74 -9.63 0.63
N THR A 8 3.99 -9.67 0.16
CA THR A 8 5.14 -10.42 0.64
C THR A 8 6.17 -9.43 1.15
N SER A 9 5.91 -8.15 0.88
CA SER A 9 6.83 -7.04 1.01
C SER A 9 6.06 -5.78 0.74
N PRO A 10 6.49 -4.58 1.18
CA PRO A 10 5.73 -3.36 0.95
C PRO A 10 5.71 -2.96 -0.51
N LYS A 11 6.77 -3.33 -1.27
CA LYS A 11 7.01 -2.90 -2.64
C LYS A 11 5.84 -3.20 -3.56
N GLN A 12 5.23 -4.38 -3.37
CA GLN A 12 4.09 -4.86 -4.12
C GLN A 12 2.87 -3.97 -4.05
N CYS A 13 2.71 -3.24 -2.92
CA CYS A 13 1.59 -2.33 -2.79
C CYS A 13 1.96 -0.89 -3.07
N LEU A 14 3.24 -0.60 -3.35
CA LEU A 14 3.66 0.77 -3.63
C LEU A 14 3.00 1.38 -4.87
N PRO A 15 2.98 0.79 -6.07
CA PRO A 15 2.24 1.37 -7.18
C PRO A 15 0.71 1.47 -6.99
N PRO A 16 -0.12 0.61 -6.40
CA PRO A 16 -1.53 0.96 -6.16
C PRO A 16 -1.69 2.04 -5.11
N CYS A 17 -0.88 2.02 -4.06
CA CYS A 17 -0.93 3.01 -3.00
C CYS A 17 -0.72 4.41 -3.54
N LYS A 18 0.36 4.58 -4.31
CA LYS A 18 0.66 5.78 -5.05
C LYS A 18 -0.20 6.07 -6.27
N ALA A 19 -1.17 5.21 -6.59
CA ALA A 19 -2.01 5.33 -7.77
C ALA A 19 -2.96 6.49 -7.68
N GLN A 20 -3.56 6.59 -6.49
CA GLN A 20 -4.63 7.50 -6.20
C GLN A 20 -4.71 7.81 -4.73
N PHE A 21 -4.24 6.92 -3.82
CA PHE A 21 -4.49 7.06 -2.42
C PHE A 21 -3.60 8.06 -1.76
N GLY A 22 -2.44 8.41 -2.37
CA GLY A 22 -1.84 9.68 -2.01
C GLY A 22 -0.65 10.06 -2.85
N ILE A 23 -0.36 11.36 -2.89
CA ILE A 23 0.65 11.95 -3.74
C ILE A 23 2.06 11.56 -3.32
N ARG A 24 2.28 11.43 -2.00
CA ARG A 24 3.53 11.04 -1.38
C ARG A 24 3.40 9.67 -0.71
N ALA A 25 2.31 8.95 -0.97
CA ALA A 25 1.93 7.78 -0.19
C ALA A 25 2.88 6.59 -0.29
N GLY A 26 2.86 5.73 0.75
CA GLY A 26 3.71 4.54 0.80
C GLY A 26 2.94 3.49 1.50
N ALA A 27 3.37 2.25 1.41
CA ALA A 27 2.57 1.13 1.78
C ALA A 27 3.42 0.20 2.57
N LYS A 28 2.77 -0.59 3.42
CA LYS A 28 3.42 -1.70 4.05
C LYS A 28 2.43 -2.80 4.32
N CYS A 29 2.96 -3.99 4.63
CA CYS A 29 2.18 -5.20 4.70
C CYS A 29 1.76 -5.56 6.10
N MET A 30 0.53 -6.06 6.28
CA MET A 30 0.11 -6.68 7.52
C MET A 30 -1.04 -7.63 7.24
N ASN A 31 -1.00 -8.82 7.85
CA ASN A 31 -1.97 -9.90 7.64
C ASN A 31 -1.93 -10.37 6.19
N GLY A 32 -0.73 -10.28 5.58
CA GLY A 32 -0.49 -10.56 4.16
C GLY A 32 -1.14 -9.60 3.20
N LYS A 33 -1.59 -8.42 3.65
CA LYS A 33 -2.29 -7.50 2.79
C LYS A 33 -2.00 -6.06 3.21
N CYS A 34 -2.18 -5.13 2.28
CA CYS A 34 -1.63 -3.80 2.35
C CYS A 34 -2.19 -2.87 3.40
N LYS A 35 -1.39 -1.87 3.78
CA LYS A 35 -1.64 -0.81 4.69
C LYS A 35 -0.97 0.37 4.06
N CYS A 36 -1.72 1.08 3.22
CA CYS A 36 -1.32 2.27 2.47
C CYS A 36 -1.50 3.56 3.28
N TYR A 37 -0.43 4.37 3.39
CA TYR A 37 -0.34 5.55 4.21
C TYR A 37 -0.17 6.76 3.30
N PRO A 38 -1.13 7.64 3.13
CA PRO A 38 -0.88 8.99 2.64
C PRO A 38 -0.43 9.88 3.77
N HIS A 39 0.66 9.47 4.44
CA HIS A 39 1.17 10.02 5.67
C HIS A 39 2.63 9.55 5.74
N THR A 1 -5.06 3.83 5.14
CA THR A 1 -6.05 2.92 4.45
C THR A 1 -5.58 1.48 4.49
N VAL A 2 -6.41 0.54 4.04
CA VAL A 2 -6.11 -0.85 3.87
C VAL A 2 -6.80 -1.08 2.56
N ILE A 3 -6.16 -1.77 1.65
CA ILE A 3 -6.65 -2.23 0.41
C ILE A 3 -6.39 -3.72 0.44
N ASP A 4 -7.11 -4.45 -0.41
CA ASP A 4 -6.95 -5.86 -0.68
C ASP A 4 -5.93 -6.08 -1.79
N VAL A 5 -4.83 -5.34 -1.67
CA VAL A 5 -3.61 -5.46 -2.42
C VAL A 5 -2.77 -6.38 -1.59
N LYS A 6 -2.51 -7.57 -2.11
CA LYS A 6 -2.06 -8.68 -1.30
C LYS A 6 -0.57 -8.79 -1.41
N CYS A 7 0.09 -8.95 -0.26
CA CYS A 7 1.52 -8.76 -0.18
C CYS A 7 2.34 -9.77 0.57
N THR A 8 3.62 -9.79 0.19
CA THR A 8 4.74 -10.27 1.01
C THR A 8 5.61 -9.11 1.44
N SER A 9 5.57 -8.01 0.68
CA SER A 9 6.43 -6.86 0.87
C SER A 9 5.60 -5.59 0.86
N PRO A 10 5.93 -4.50 1.52
CA PRO A 10 5.31 -3.20 1.23
C PRO A 10 5.64 -2.72 -0.17
N LYS A 11 6.77 -3.16 -0.75
CA LYS A 11 7.25 -2.63 -2.02
C LYS A 11 6.25 -2.80 -3.16
N GLN A 12 5.61 -3.97 -3.20
CA GLN A 12 4.65 -4.35 -4.21
C GLN A 12 3.36 -3.57 -4.14
N CYS A 13 3.13 -2.87 -3.02
CA CYS A 13 1.99 -2.06 -2.82
C CYS A 13 2.21 -0.64 -3.28
N LEU A 14 3.47 -0.27 -3.65
CA LEU A 14 3.81 1.10 -3.97
C LEU A 14 3.12 1.62 -5.24
N PRO A 15 3.01 0.92 -6.37
CA PRO A 15 2.18 1.35 -7.49
C PRO A 15 0.69 1.54 -7.17
N PRO A 16 -0.11 0.70 -6.51
CA PRO A 16 -1.50 1.04 -6.19
C PRO A 16 -1.60 2.15 -5.16
N CYS A 17 -0.68 2.21 -4.21
CA CYS A 17 -0.58 3.32 -3.29
C CYS A 17 -0.34 4.63 -3.99
N LYS A 18 0.42 4.60 -5.08
CA LYS A 18 0.58 5.75 -5.94
C LYS A 18 -0.61 6.16 -6.77
N ALA A 19 -1.55 5.24 -6.97
CA ALA A 19 -2.70 5.38 -7.82
C ALA A 19 -3.72 6.34 -7.24
N GLN A 20 -4.31 5.82 -6.18
CA GLN A 20 -5.46 6.30 -5.51
C GLN A 20 -5.08 7.21 -4.38
N PHE A 21 -3.98 6.84 -3.69
CA PHE A 21 -3.61 7.44 -2.44
C PHE A 21 -2.52 8.49 -2.58
N GLY A 22 -1.85 8.59 -3.74
CA GLY A 22 -1.12 9.77 -4.15
C GLY A 22 0.36 9.60 -4.25
N ILE A 23 1.07 10.63 -4.75
CA ILE A 23 2.45 10.56 -5.16
C ILE A 23 3.41 10.36 -4.00
N ARG A 24 3.08 10.94 -2.85
CA ARG A 24 3.88 10.87 -1.64
C ARG A 24 3.55 9.63 -0.80
N ALA A 25 2.45 8.93 -1.12
CA ALA A 25 1.92 7.83 -0.33
C ALA A 25 2.82 6.61 -0.19
N GLY A 26 2.57 5.80 0.87
CA GLY A 26 3.44 4.69 1.27
C GLY A 26 2.63 3.50 1.67
N ALA A 27 3.27 2.43 2.15
CA ALA A 27 2.61 1.19 2.39
C ALA A 27 3.30 0.39 3.46
N LYS A 28 2.52 -0.40 4.21
CA LYS A 28 2.98 -1.43 5.11
C LYS A 28 2.34 -2.72 4.70
N CYS A 29 3.12 -3.81 4.67
CA CYS A 29 2.51 -5.12 4.54
C CYS A 29 2.19 -5.69 5.91
N MET A 30 0.96 -6.18 6.11
CA MET A 30 0.61 -6.88 7.33
C MET A 30 -0.55 -7.80 7.05
N ASN A 31 -0.49 -9.02 7.59
CA ASN A 31 -1.50 -10.06 7.49
C ASN A 31 -1.75 -10.44 6.04
N GLY A 32 -0.69 -10.29 5.22
CA GLY A 32 -0.72 -10.51 3.78
C GLY A 32 -1.51 -9.51 2.96
N LYS A 33 -1.98 -8.38 3.51
CA LYS A 33 -2.78 -7.44 2.73
C LYS A 33 -2.44 -6.03 3.15
N CYS A 34 -2.08 -5.16 2.19
CA CYS A 34 -1.40 -3.94 2.45
C CYS A 34 -2.13 -2.80 3.14
N LYS A 35 -1.36 -1.95 3.82
CA LYS A 35 -1.75 -0.94 4.75
C LYS A 35 -1.17 0.32 4.20
N CYS A 36 -1.85 0.85 3.19
CA CYS A 36 -1.48 2.05 2.48
C CYS A 36 -1.66 3.33 3.29
N TYR A 37 -0.64 4.20 3.27
CA TYR A 37 -0.60 5.48 3.94
C TYR A 37 -0.78 6.53 2.88
N PRO A 38 -1.91 7.19 2.69
CA PRO A 38 -1.94 8.49 2.03
C PRO A 38 -1.28 9.53 2.92
N HIS A 39 0.03 9.72 2.74
CA HIS A 39 0.79 10.79 3.35
C HIS A 39 0.69 12.06 2.49
N THR A 1 -5.17 3.72 4.21
CA THR A 1 -6.08 2.75 3.48
C THR A 1 -5.53 1.35 3.42
N VAL A 2 -6.35 0.37 3.00
CA VAL A 2 -6.00 -1.01 2.79
C VAL A 2 -6.78 -1.28 1.54
N ILE A 3 -6.16 -1.94 0.57
CA ILE A 3 -6.69 -2.28 -0.71
C ILE A 3 -7.02 -3.78 -0.70
N ASP A 4 -6.87 -4.43 -1.86
CA ASP A 4 -6.79 -5.86 -2.00
C ASP A 4 -5.51 -6.23 -2.70
N VAL A 5 -4.46 -5.58 -2.20
CA VAL A 5 -3.10 -6.02 -2.38
C VAL A 5 -2.81 -6.91 -1.20
N LYS A 6 -2.79 -8.23 -1.46
CA LYS A 6 -2.34 -9.22 -0.51
C LYS A 6 -0.88 -9.46 -0.77
N CYS A 7 -0.06 -9.43 0.29
CA CYS A 7 1.36 -9.28 0.12
C CYS A 7 2.25 -9.99 1.10
N THR A 8 3.52 -10.10 0.67
CA THR A 8 4.69 -10.24 1.51
C THR A 8 5.24 -8.86 1.84
N SER A 9 5.35 -8.05 0.80
CA SER A 9 6.35 -7.00 0.69
C SER A 9 5.74 -5.66 0.39
N PRO A 10 6.34 -4.52 0.76
CA PRO A 10 5.78 -3.18 0.51
C PRO A 10 5.71 -2.88 -0.96
N LYS A 11 6.68 -3.38 -1.76
CA LYS A 11 6.80 -3.22 -3.20
C LYS A 11 5.49 -3.43 -3.91
N GLN A 12 4.83 -4.53 -3.55
CA GLN A 12 3.62 -5.03 -4.17
C GLN A 12 2.44 -4.10 -4.04
N CYS A 13 2.45 -3.21 -3.03
CA CYS A 13 1.39 -2.24 -2.84
C CYS A 13 1.81 -0.85 -3.22
N LEU A 14 3.10 -0.63 -3.53
CA LEU A 14 3.62 0.70 -3.74
C LEU A 14 3.02 1.40 -4.96
N PRO A 15 2.95 0.86 -6.18
CA PRO A 15 2.26 1.54 -7.27
C PRO A 15 0.77 1.78 -7.06
N PRO A 16 -0.16 0.96 -6.54
CA PRO A 16 -1.53 1.42 -6.29
C PRO A 16 -1.63 2.44 -5.19
N CYS A 17 -0.89 2.27 -4.09
CA CYS A 17 -0.88 3.22 -3.00
C CYS A 17 -0.49 4.61 -3.48
N LYS A 18 0.54 4.66 -4.32
CA LYS A 18 1.00 5.84 -4.99
C LYS A 18 0.11 6.40 -6.08
N ALA A 19 -0.76 5.55 -6.62
CA ALA A 19 -1.73 5.87 -7.65
C ALA A 19 -2.86 6.71 -7.14
N GLN A 20 -3.66 6.02 -6.34
CA GLN A 20 -5.01 6.32 -6.00
C GLN A 20 -5.02 7.15 -4.76
N PHE A 21 -4.14 6.75 -3.83
CA PHE A 21 -4.27 7.12 -2.46
C PHE A 21 -3.42 8.31 -2.08
N GLY A 22 -2.24 8.55 -2.71
CA GLY A 22 -1.71 9.88 -2.49
C GLY A 22 -0.41 10.16 -3.16
N ILE A 23 -0.07 11.44 -3.37
CA ILE A 23 1.10 11.91 -4.09
C ILE A 23 2.40 11.66 -3.37
N ARG A 24 2.41 11.74 -2.04
CA ARG A 24 3.55 11.36 -1.23
C ARG A 24 3.41 9.95 -0.66
N ALA A 25 2.20 9.34 -0.78
CA ALA A 25 1.81 8.12 -0.10
C ALA A 25 2.68 6.89 -0.29
N GLY A 26 2.68 6.00 0.72
CA GLY A 26 3.57 4.85 0.74
C GLY A 26 2.92 3.73 1.46
N ALA A 27 3.47 2.53 1.39
CA ALA A 27 2.78 1.36 1.76
C ALA A 27 3.72 0.37 2.37
N LYS A 28 3.15 -0.49 3.22
CA LYS A 28 3.84 -1.67 3.68
C LYS A 28 2.83 -2.74 3.85
N CYS A 29 3.30 -3.95 4.19
CA CYS A 29 2.44 -5.09 4.37
C CYS A 29 2.32 -5.43 5.84
N MET A 30 1.15 -5.94 6.25
CA MET A 30 0.92 -6.51 7.55
C MET A 30 -0.36 -7.32 7.51
N ASN A 31 -0.38 -8.47 8.22
CA ASN A 31 -1.52 -9.35 8.37
C ASN A 31 -1.99 -9.88 7.02
N GLY A 32 -1.01 -10.10 6.14
CA GLY A 32 -1.22 -10.55 4.76
C GLY A 32 -1.67 -9.50 3.78
N LYS A 33 -1.96 -8.25 4.20
CA LYS A 33 -2.47 -7.25 3.27
C LYS A 33 -1.75 -5.95 3.49
N CYS A 34 -1.90 -5.05 2.51
CA CYS A 34 -1.31 -3.73 2.54
C CYS A 34 -1.75 -2.85 3.69
N LYS A 35 -0.96 -1.82 3.97
CA LYS A 35 -1.19 -0.79 4.90
C LYS A 35 -0.61 0.38 4.16
N CYS A 36 -1.46 1.05 3.39
CA CYS A 36 -1.16 2.21 2.57
C CYS A 36 -1.43 3.47 3.37
N TYR A 37 -0.46 4.39 3.44
CA TYR A 37 -0.48 5.55 4.28
C TYR A 37 -0.59 6.76 3.38
N PRO A 38 -1.76 7.34 3.15
CA PRO A 38 -1.87 8.56 2.38
C PRO A 38 -1.50 9.77 3.24
N HIS A 39 -0.21 10.01 3.44
CA HIS A 39 0.28 11.25 4.00
C HIS A 39 1.24 11.90 3.00
N THR A 1 -5.05 4.14 3.91
CA THR A 1 -6.15 3.17 3.59
C THR A 1 -5.70 1.74 3.72
N VAL A 2 -6.62 0.79 3.49
CA VAL A 2 -6.41 -0.63 3.49
C VAL A 2 -7.21 -0.96 2.26
N ILE A 3 -6.68 -1.85 1.44
CA ILE A 3 -7.19 -2.36 0.24
C ILE A 3 -6.90 -3.84 0.38
N ASP A 4 -7.61 -4.66 -0.37
CA ASP A 4 -7.43 -6.08 -0.49
C ASP A 4 -6.52 -6.44 -1.66
N VAL A 5 -5.45 -5.64 -1.78
CA VAL A 5 -4.33 -5.87 -2.65
C VAL A 5 -3.29 -6.53 -1.79
N LYS A 6 -2.79 -7.68 -2.24
CA LYS A 6 -2.17 -8.66 -1.37
C LYS A 6 -0.67 -8.69 -1.58
N CYS A 7 0.08 -8.82 -0.48
CA CYS A 7 1.51 -8.63 -0.50
C CYS A 7 2.29 -9.62 0.32
N THR A 8 3.57 -9.76 -0.09
CA THR A 8 4.64 -10.35 0.70
C THR A 8 5.60 -9.26 1.13
N SER A 9 5.65 -8.19 0.34
CA SER A 9 6.67 -7.15 0.44
C SER A 9 6.03 -5.80 0.65
N PRO A 10 6.68 -4.81 1.26
CA PRO A 10 6.28 -3.42 1.10
C PRO A 10 6.46 -2.91 -0.31
N LYS A 11 7.40 -3.47 -1.10
CA LYS A 11 7.69 -2.92 -2.42
C LYS A 11 6.50 -2.98 -3.36
N GLN A 12 5.89 -4.18 -3.45
CA GLN A 12 4.69 -4.45 -4.22
C GLN A 12 3.44 -3.76 -3.66
N CYS A 13 3.57 -3.10 -2.49
CA CYS A 13 2.52 -2.35 -1.84
C CYS A 13 2.52 -0.91 -2.37
N LEU A 14 3.71 -0.42 -2.80
CA LEU A 14 3.89 0.96 -3.17
C LEU A 14 3.18 1.37 -4.45
N PRO A 15 3.22 0.69 -5.61
CA PRO A 15 2.40 1.07 -6.75
C PRO A 15 0.89 0.97 -6.53
N PRO A 16 0.19 0.07 -5.81
CA PRO A 16 -1.23 0.25 -5.53
C PRO A 16 -1.49 1.40 -4.62
N CYS A 17 -0.66 1.63 -3.59
CA CYS A 17 -0.82 2.79 -2.76
C CYS A 17 -0.66 4.10 -3.53
N LYS A 18 0.21 4.10 -4.54
CA LYS A 18 0.41 5.20 -5.46
C LYS A 18 -0.72 5.45 -6.44
N ALA A 19 -1.65 4.51 -6.55
CA ALA A 19 -2.65 4.43 -7.61
C ALA A 19 -3.70 5.52 -7.53
N GLN A 20 -4.00 5.88 -6.29
CA GLN A 20 -5.04 6.79 -5.94
C GLN A 20 -4.88 7.31 -4.53
N PHE A 21 -4.29 6.52 -3.62
CA PHE A 21 -4.18 6.90 -2.23
C PHE A 21 -3.08 7.92 -1.98
N GLY A 22 -2.16 8.10 -2.95
CA GLY A 22 -1.50 9.36 -3.14
C GLY A 22 -0.15 9.24 -3.76
N ILE A 23 0.32 10.29 -4.47
CA ILE A 23 1.62 10.33 -5.08
C ILE A 23 2.74 10.42 -4.03
N ARG A 24 2.46 11.15 -2.94
CA ARG A 24 3.29 11.26 -1.77
C ARG A 24 3.29 9.94 -1.02
N ALA A 25 2.14 9.25 -0.97
CA ALA A 25 1.80 8.18 -0.04
C ALA A 25 2.78 7.02 0.11
N GLY A 26 2.72 6.34 1.27
CA GLY A 26 3.61 5.27 1.65
C GLY A 26 2.81 4.03 1.80
N ALA A 27 3.47 2.90 2.04
CA ALA A 27 2.83 1.63 1.88
C ALA A 27 3.58 0.59 2.64
N LYS A 28 2.89 -0.31 3.34
CA LYS A 28 3.54 -1.50 3.84
C LYS A 28 2.55 -2.61 4.04
N CYS A 29 3.05 -3.84 4.22
CA CYS A 29 2.22 -5.01 4.26
C CYS A 29 1.88 -5.43 5.69
N MET A 30 0.65 -5.90 5.91
CA MET A 30 0.26 -6.54 7.14
C MET A 30 -0.91 -7.45 6.90
N ASN A 31 -0.86 -8.66 7.48
CA ASN A 31 -1.83 -9.74 7.34
C ASN A 31 -1.98 -10.16 5.89
N GLY A 32 -0.85 -10.08 5.16
CA GLY A 32 -0.77 -10.34 3.73
C GLY A 32 -1.44 -9.33 2.84
N LYS A 33 -1.81 -8.12 3.34
CA LYS A 33 -2.53 -7.17 2.53
C LYS A 33 -2.12 -5.76 2.90
N CYS A 34 -2.20 -4.85 1.94
CA CYS A 34 -1.53 -3.58 2.04
C CYS A 34 -2.09 -2.60 3.05
N LYS A 35 -1.24 -1.66 3.49
CA LYS A 35 -1.49 -0.67 4.49
C LYS A 35 -0.84 0.57 3.93
N CYS A 36 -1.60 1.32 3.13
CA CYS A 36 -1.24 2.60 2.59
C CYS A 36 -1.32 3.72 3.60
N TYR A 37 -0.28 4.55 3.71
CA TYR A 37 -0.19 5.64 4.64
C TYR A 37 -0.24 6.91 3.82
N PRO A 38 -1.10 7.92 4.02
CA PRO A 38 -1.27 9.00 3.06
C PRO A 38 -0.30 10.14 3.26
N HIS A 39 0.93 9.78 3.62
CA HIS A 39 2.07 10.64 3.69
C HIS A 39 3.35 9.81 3.54
N THR A 1 -5.31 4.20 3.89
CA THR A 1 -6.28 3.22 3.28
C THR A 1 -5.88 1.78 3.57
N VAL A 2 -6.74 0.82 3.25
CA VAL A 2 -6.45 -0.58 3.27
C VAL A 2 -7.02 -0.95 1.93
N ILE A 3 -6.26 -1.70 1.16
CA ILE A 3 -6.58 -2.26 -0.09
C ILE A 3 -6.31 -3.73 0.11
N ASP A 4 -6.93 -4.53 -0.74
CA ASP A 4 -6.84 -5.96 -0.83
C ASP A 4 -5.75 -6.35 -1.83
N VAL A 5 -4.58 -5.74 -1.62
CA VAL A 5 -3.33 -6.13 -2.20
C VAL A 5 -2.68 -7.03 -1.17
N LYS A 6 -2.43 -8.30 -1.55
CA LYS A 6 -1.85 -9.29 -0.67
C LYS A 6 -0.36 -9.27 -0.90
N CYS A 7 0.42 -9.28 0.18
CA CYS A 7 1.82 -8.96 0.10
C CYS A 7 2.77 -9.87 0.84
N THR A 8 3.95 -10.01 0.21
CA THR A 8 5.17 -10.59 0.76
C THR A 8 6.20 -9.49 0.95
N SER A 9 5.98 -8.35 0.28
CA SER A 9 6.82 -7.18 0.35
C SER A 9 5.89 -6.00 0.36
N PRO A 10 6.18 -4.87 1.02
CA PRO A 10 5.43 -3.63 0.83
C PRO A 10 5.49 -3.13 -0.60
N LYS A 11 6.54 -3.50 -1.37
CA LYS A 11 6.77 -2.98 -2.71
C LYS A 11 5.58 -3.21 -3.63
N GLN A 12 4.94 -4.37 -3.47
CA GLN A 12 3.81 -4.82 -4.25
C GLN A 12 2.59 -3.92 -4.16
N CYS A 13 2.48 -3.16 -3.06
CA CYS A 13 1.37 -2.26 -2.85
C CYS A 13 1.73 -0.80 -3.11
N LEU A 14 3.02 -0.52 -3.38
CA LEU A 14 3.47 0.83 -3.62
C LEU A 14 2.88 1.48 -4.88
N PRO A 15 2.85 0.89 -6.08
CA PRO A 15 2.14 1.50 -7.20
C PRO A 15 0.63 1.64 -7.04
N PRO A 16 -0.23 0.83 -6.39
CA PRO A 16 -1.61 1.24 -6.13
C PRO A 16 -1.70 2.35 -5.12
N CYS A 17 -0.85 2.37 -4.10
CA CYS A 17 -0.82 3.44 -3.13
C CYS A 17 -0.56 4.78 -3.77
N LYS A 18 0.49 4.84 -4.57
CA LYS A 18 0.78 5.99 -5.40
C LYS A 18 -0.12 6.19 -6.61
N ALA A 19 -1.14 5.35 -6.82
CA ALA A 19 -2.04 5.47 -7.95
C ALA A 19 -2.95 6.67 -7.81
N GLN A 20 -3.57 6.74 -6.63
CA GLN A 20 -4.57 7.70 -6.30
C GLN A 20 -4.61 8.03 -4.83
N PHE A 21 -3.94 7.27 -3.95
CA PHE A 21 -4.12 7.45 -2.54
C PHE A 21 -3.23 8.54 -1.96
N GLY A 22 -2.12 8.94 -2.60
CA GLY A 22 -1.58 10.22 -2.16
C GLY A 22 -0.38 10.79 -2.86
N ILE A 23 0.23 11.81 -2.24
CA ILE A 23 1.32 12.60 -2.80
C ILE A 23 2.60 11.82 -2.88
N ARG A 24 3.09 11.42 -1.71
CA ARG A 24 4.34 10.72 -1.51
C ARG A 24 4.00 9.35 -0.92
N ALA A 25 2.70 9.01 -0.99
CA ALA A 25 2.03 7.89 -0.36
C ALA A 25 2.70 6.55 -0.40
N GLY A 26 2.52 5.77 0.68
CA GLY A 26 3.37 4.64 0.97
C GLY A 26 2.54 3.46 1.26
N ALA A 27 3.16 2.30 1.36
CA ALA A 27 2.46 1.08 1.44
C ALA A 27 3.25 0.19 2.34
N LYS A 28 2.57 -0.51 3.26
CA LYS A 28 3.29 -1.39 4.13
C LYS A 28 2.41 -2.59 4.38
N CYS A 29 3.02 -3.77 4.60
CA CYS A 29 2.31 -5.01 4.70
C CYS A 29 2.03 -5.39 6.14
N MET A 30 0.83 -5.87 6.45
CA MET A 30 0.53 -6.50 7.71
C MET A 30 -0.64 -7.45 7.55
N ASN A 31 -0.58 -8.62 8.21
CA ASN A 31 -1.52 -9.73 8.10
C ASN A 31 -1.56 -10.25 6.67
N GLY A 32 -0.38 -10.19 6.01
CA GLY A 32 -0.22 -10.52 4.59
C GLY A 32 -0.94 -9.61 3.62
N LYS A 33 -1.40 -8.41 4.04
CA LYS A 33 -2.22 -7.60 3.20
C LYS A 33 -1.85 -6.14 3.47
N CYS A 34 -2.07 -5.26 2.50
CA CYS A 34 -1.57 -3.90 2.57
C CYS A 34 -2.18 -3.01 3.63
N LYS A 35 -1.45 -1.96 3.99
CA LYS A 35 -1.73 -0.94 4.94
C LYS A 35 -1.11 0.27 4.29
N CYS A 36 -1.93 0.94 3.47
CA CYS A 36 -1.58 2.06 2.62
C CYS A 36 -1.64 3.39 3.36
N TYR A 37 -0.59 4.21 3.29
CA TYR A 37 -0.45 5.44 4.04
C TYR A 37 -0.71 6.56 3.06
N PRO A 38 -1.87 7.22 3.05
CA PRO A 38 -2.25 8.09 1.95
C PRO A 38 -1.74 9.51 2.15
N HIS A 39 -0.41 9.67 2.18
CA HIS A 39 0.20 10.96 2.36
C HIS A 39 1.52 11.04 1.58
N THR A 1 -5.13 3.85 5.23
CA THR A 1 -6.15 3.04 4.48
C THR A 1 -5.73 1.59 4.40
N VAL A 2 -6.57 0.74 3.82
CA VAL A 2 -6.35 -0.64 3.59
C VAL A 2 -6.92 -0.74 2.21
N ILE A 3 -6.25 -1.47 1.34
CA ILE A 3 -6.66 -1.94 0.07
C ILE A 3 -6.50 -3.42 0.20
N ASP A 4 -7.25 -4.12 -0.64
CA ASP A 4 -7.27 -5.55 -0.81
C ASP A 4 -6.24 -6.02 -1.82
N VAL A 5 -5.07 -5.39 -1.70
CA VAL A 5 -3.86 -5.76 -2.37
C VAL A 5 -3.13 -6.68 -1.44
N LYS A 6 -3.03 -7.98 -1.78
CA LYS A 6 -2.18 -8.88 -1.05
C LYS A 6 -0.73 -8.56 -1.27
N CYS A 7 0.08 -8.58 -0.22
CA CYS A 7 1.48 -8.22 -0.31
C CYS A 7 2.41 -9.42 -0.28
N THR A 8 3.69 -9.16 -0.57
CA THR A 8 4.85 -10.01 -0.28
C THR A 8 5.95 -9.14 0.32
N SER A 9 5.67 -7.84 0.44
CA SER A 9 6.63 -6.80 0.73
C SER A 9 5.78 -5.56 0.80
N PRO A 10 6.11 -4.48 1.48
CA PRO A 10 5.46 -3.20 1.24
C PRO A 10 5.71 -2.68 -0.15
N LYS A 11 6.83 -3.05 -0.78
CA LYS A 11 7.30 -2.46 -2.03
C LYS A 11 6.33 -2.68 -3.18
N GLN A 12 5.78 -3.91 -3.27
CA GLN A 12 4.80 -4.28 -4.27
C GLN A 12 3.42 -3.65 -4.06
N CYS A 13 3.19 -2.95 -2.93
CA CYS A 13 1.98 -2.16 -2.76
C CYS A 13 2.23 -0.68 -3.03
N LEU A 14 3.50 -0.29 -3.26
CA LEU A 14 3.81 1.09 -3.56
C LEU A 14 3.18 1.61 -4.86
N PRO A 15 3.09 0.89 -5.99
CA PRO A 15 2.30 1.32 -7.14
C PRO A 15 0.80 1.53 -6.87
N PRO A 16 -0.05 0.71 -6.23
CA PRO A 16 -1.43 1.09 -5.94
C PRO A 16 -1.54 2.21 -4.95
N CYS A 17 -0.64 2.25 -3.95
CA CYS A 17 -0.55 3.36 -3.04
C CYS A 17 -0.26 4.67 -3.73
N LYS A 18 0.52 4.62 -4.82
CA LYS A 18 0.71 5.76 -5.69
C LYS A 18 -0.46 6.17 -6.55
N ALA A 19 -1.34 5.21 -6.83
CA ALA A 19 -2.47 5.32 -7.73
C ALA A 19 -3.57 6.19 -7.18
N GLN A 20 -4.16 5.61 -6.11
CA GLN A 20 -5.38 5.99 -5.50
C GLN A 20 -5.13 6.93 -4.37
N PHE A 21 -4.04 6.63 -3.63
CA PHE A 21 -3.84 7.15 -2.32
C PHE A 21 -2.91 8.34 -2.25
N GLY A 22 -1.95 8.51 -3.19
CA GLY A 22 -1.29 9.79 -3.34
C GLY A 22 0.10 9.74 -3.87
N ILE A 23 0.67 10.92 -4.21
CA ILE A 23 1.98 11.05 -4.82
C ILE A 23 3.08 10.69 -3.87
N ARG A 24 2.99 11.20 -2.65
CA ARG A 24 4.00 10.96 -1.65
C ARG A 24 3.76 9.64 -0.93
N ALA A 25 2.53 9.08 -1.06
CA ALA A 25 1.98 7.98 -0.28
C ALA A 25 2.77 6.70 -0.19
N GLY A 26 2.48 5.87 0.84
CA GLY A 26 3.34 4.75 1.21
C GLY A 26 2.55 3.55 1.58
N ALA A 27 3.23 2.43 1.89
CA ALA A 27 2.58 1.17 2.07
C ALA A 27 3.29 0.39 3.15
N LYS A 28 2.53 -0.37 3.94
CA LYS A 28 3.03 -1.44 4.79
C LYS A 28 2.39 -2.72 4.35
N CYS A 29 3.09 -3.83 4.60
CA CYS A 29 2.55 -5.17 4.49
C CYS A 29 2.21 -5.71 5.87
N MET A 30 0.96 -6.10 6.13
CA MET A 30 0.63 -6.81 7.35
C MET A 30 -0.61 -7.66 7.19
N ASN A 31 -0.61 -8.86 7.79
CA ASN A 31 -1.67 -9.87 7.72
C ASN A 31 -1.85 -10.32 6.28
N GLY A 32 -0.73 -10.34 5.53
CA GLY A 32 -0.69 -10.64 4.11
C GLY A 32 -1.28 -9.58 3.19
N LYS A 33 -1.75 -8.43 3.72
CA LYS A 33 -2.51 -7.48 2.96
C LYS A 33 -1.95 -6.11 3.22
N CYS A 34 -2.07 -5.19 2.25
CA CYS A 34 -1.49 -3.87 2.37
C CYS A 34 -2.12 -3.00 3.44
N LYS A 35 -1.37 -2.01 3.91
CA LYS A 35 -1.70 -1.07 4.95
C LYS A 35 -1.17 0.24 4.41
N CYS A 36 -1.96 0.86 3.54
CA CYS A 36 -1.58 2.02 2.76
C CYS A 36 -1.69 3.34 3.52
N TYR A 37 -0.72 4.25 3.32
CA TYR A 37 -0.63 5.52 3.98
C TYR A 37 -0.87 6.57 2.93
N PRO A 38 -2.05 7.18 2.76
CA PRO A 38 -2.22 8.36 1.91
C PRO A 38 -1.66 9.61 2.58
N HIS A 39 -0.32 9.71 2.64
CA HIS A 39 0.37 10.78 3.28
C HIS A 39 1.74 10.93 2.61
N THR A 1 -5.09 4.45 3.49
CA THR A 1 -6.22 3.49 3.24
C THR A 1 -5.81 2.06 3.52
N VAL A 2 -6.72 1.11 3.30
CA VAL A 2 -6.46 -0.29 3.27
C VAL A 2 -7.03 -0.59 1.91
N ILE A 3 -6.30 -1.36 1.13
CA ILE A 3 -6.59 -1.91 -0.13
C ILE A 3 -6.43 -3.38 0.11
N ASP A 4 -7.06 -4.15 -0.75
CA ASP A 4 -7.10 -5.59 -0.75
C ASP A 4 -5.95 -6.19 -1.54
N VAL A 5 -4.80 -5.54 -1.40
CA VAL A 5 -3.57 -5.91 -2.04
C VAL A 5 -2.83 -6.83 -1.10
N LYS A 6 -2.85 -8.15 -1.39
CA LYS A 6 -2.02 -9.09 -0.67
C LYS A 6 -0.56 -8.91 -1.03
N CYS A 7 0.34 -9.05 -0.06
CA CYS A 7 1.74 -8.69 -0.26
C CYS A 7 2.60 -9.80 -0.86
N THR A 8 3.79 -9.44 -1.33
CA THR A 8 5.00 -10.28 -1.39
C THR A 8 6.15 -9.55 -0.71
N SER A 9 5.89 -8.30 -0.33
CA SER A 9 6.82 -7.29 0.13
C SER A 9 5.87 -6.15 0.43
N PRO A 10 6.14 -5.18 1.28
CA PRO A 10 5.40 -3.92 1.27
C PRO A 10 5.58 -3.16 -0.02
N LYS A 11 6.73 -3.33 -0.71
CA LYS A 11 7.06 -2.50 -1.85
C LYS A 11 6.14 -2.74 -3.04
N GLN A 12 5.59 -3.96 -3.17
CA GLN A 12 4.64 -4.27 -4.22
C GLN A 12 3.28 -3.62 -4.03
N CYS A 13 3.01 -3.01 -2.87
CA CYS A 13 1.80 -2.20 -2.68
C CYS A 13 2.04 -0.73 -2.97
N LEU A 14 3.31 -0.32 -3.18
CA LEU A 14 3.64 1.06 -3.49
C LEU A 14 3.00 1.58 -4.80
N PRO A 15 3.05 0.92 -5.97
CA PRO A 15 2.33 1.41 -7.14
C PRO A 15 0.80 1.43 -7.02
N PRO A 16 -0.01 0.58 -6.35
CA PRO A 16 -1.42 0.90 -6.13
C PRO A 16 -1.61 2.04 -5.16
N CYS A 17 -0.78 2.14 -4.12
CA CYS A 17 -0.85 3.20 -3.15
C CYS A 17 -0.68 4.55 -3.80
N LYS A 18 0.47 4.77 -4.41
CA LYS A 18 0.74 5.88 -5.29
C LYS A 18 0.03 5.78 -6.64
N ALA A 19 -1.04 4.99 -6.79
CA ALA A 19 -1.96 5.21 -7.88
C ALA A 19 -2.74 6.49 -7.59
N GLN A 20 -3.58 6.35 -6.57
CA GLN A 20 -4.67 7.20 -6.24
C GLN A 20 -4.73 7.57 -4.77
N PHE A 21 -4.11 6.80 -3.86
CA PHE A 21 -4.36 6.89 -2.46
C PHE A 21 -3.53 7.92 -1.73
N GLY A 22 -2.40 8.40 -2.31
CA GLY A 22 -1.77 9.58 -1.74
C GLY A 22 -0.80 10.20 -2.71
N ILE A 23 -0.16 11.30 -2.33
CA ILE A 23 0.77 12.03 -3.19
C ILE A 23 2.07 11.30 -3.41
N ARG A 24 2.73 10.95 -2.30
CA ARG A 24 4.03 10.32 -2.27
C ARG A 24 3.88 9.01 -1.51
N ALA A 25 2.62 8.51 -1.55
CA ALA A 25 2.02 7.49 -0.69
C ALA A 25 2.85 6.30 -0.28
N GLY A 26 2.63 5.84 0.98
CA GLY A 26 3.44 4.78 1.54
C GLY A 26 2.62 3.55 1.58
N ALA A 27 3.27 2.41 1.75
CA ALA A 27 2.61 1.16 1.65
C ALA A 27 3.33 0.17 2.51
N LYS A 28 2.62 -0.51 3.41
CA LYS A 28 3.29 -1.39 4.32
C LYS A 28 2.39 -2.57 4.55
N CYS A 29 2.98 -3.75 4.83
CA CYS A 29 2.25 -4.99 4.94
C CYS A 29 1.91 -5.32 6.38
N MET A 30 0.70 -5.84 6.63
CA MET A 30 0.32 -6.46 7.87
C MET A 30 -0.83 -7.38 7.59
N ASN A 31 -0.93 -8.54 8.26
CA ASN A 31 -1.90 -9.60 8.03
C ASN A 31 -1.78 -10.24 6.65
N GLY A 32 -0.59 -10.06 6.04
CA GLY A 32 -0.30 -10.47 4.67
C GLY A 32 -0.88 -9.56 3.60
N LYS A 33 -1.42 -8.39 3.98
CA LYS A 33 -2.17 -7.54 3.09
C LYS A 33 -1.81 -6.09 3.41
N CYS A 34 -2.03 -5.18 2.48
CA CYS A 34 -1.53 -3.82 2.59
C CYS A 34 -2.17 -2.95 3.64
N LYS A 35 -1.44 -1.90 4.03
CA LYS A 35 -1.75 -0.88 4.98
C LYS A 35 -1.09 0.32 4.35
N CYS A 36 -1.87 1.02 3.54
CA CYS A 36 -1.49 2.15 2.72
C CYS A 36 -1.52 3.47 3.47
N TYR A 37 -0.45 4.27 3.40
CA TYR A 37 -0.30 5.49 4.16
C TYR A 37 -0.59 6.62 3.20
N PRO A 38 -1.71 7.32 3.27
CA PRO A 38 -2.14 8.21 2.21
C PRO A 38 -1.51 9.58 2.33
N HIS A 39 -0.19 9.67 2.19
CA HIS A 39 0.50 10.94 2.20
C HIS A 39 1.64 10.94 1.16
N THR A 1 -8.00 5.10 3.12
CA THR A 1 -7.46 4.25 1.99
C THR A 1 -7.80 2.81 2.23
N VAL A 2 -8.07 2.01 1.18
CA VAL A 2 -8.32 0.60 1.30
C VAL A 2 -7.94 0.06 -0.06
N ILE A 3 -7.08 -0.95 -0.10
CA ILE A 3 -6.85 -1.83 -1.17
C ILE A 3 -6.81 -3.18 -0.50
N ASP A 4 -7.00 -4.23 -1.30
CA ASP A 4 -6.62 -5.58 -1.02
C ASP A 4 -5.48 -5.94 -1.93
N VAL A 5 -4.34 -5.27 -1.73
CA VAL A 5 -3.07 -5.75 -2.21
C VAL A 5 -2.57 -6.71 -1.15
N LYS A 6 -2.58 -8.00 -1.51
CA LYS A 6 -2.22 -9.08 -0.64
C LYS A 6 -0.78 -9.46 -0.92
N CYS A 7 0.00 -9.43 0.15
CA CYS A 7 1.43 -9.25 0.04
C CYS A 7 2.27 -9.98 1.04
N THR A 8 3.57 -10.07 0.68
CA THR A 8 4.68 -10.22 1.61
C THR A 8 5.33 -8.89 1.85
N SER A 9 5.37 -8.09 0.78
CA SER A 9 6.32 -7.02 0.59
C SER A 9 5.63 -5.68 0.51
N PRO A 10 6.24 -4.57 0.92
CA PRO A 10 5.68 -3.24 0.66
C PRO A 10 5.67 -2.91 -0.81
N LYS A 11 6.69 -3.38 -1.56
CA LYS A 11 6.89 -3.07 -2.97
C LYS A 11 5.68 -3.39 -3.83
N GLN A 12 5.06 -4.55 -3.54
CA GLN A 12 3.85 -5.03 -4.21
C GLN A 12 2.70 -4.04 -4.18
N CYS A 13 2.64 -3.23 -3.12
CA CYS A 13 1.56 -2.30 -2.90
C CYS A 13 1.94 -0.88 -3.29
N LEU A 14 3.22 -0.61 -3.59
CA LEU A 14 3.67 0.77 -3.77
C LEU A 14 3.10 1.44 -5.02
N PRO A 15 3.13 0.87 -6.23
CA PRO A 15 2.42 1.44 -7.37
C PRO A 15 0.91 1.63 -7.20
N PRO A 16 0.03 0.76 -6.67
CA PRO A 16 -1.36 1.10 -6.47
C PRO A 16 -1.57 2.14 -5.40
N CYS A 17 -0.80 2.10 -4.32
CA CYS A 17 -0.86 3.08 -3.26
C CYS A 17 -0.61 4.48 -3.77
N LYS A 18 0.46 4.63 -4.55
CA LYS A 18 0.79 5.85 -5.24
C LYS A 18 -0.10 6.20 -6.42
N ALA A 19 -1.01 5.30 -6.83
CA ALA A 19 -1.82 5.46 -8.02
C ALA A 19 -2.85 6.55 -7.86
N GLN A 20 -3.63 6.37 -6.79
CA GLN A 20 -4.77 7.16 -6.45
C GLN A 20 -4.84 7.47 -4.97
N PHE A 21 -4.20 6.67 -4.11
CA PHE A 21 -4.44 6.76 -2.70
C PHE A 21 -3.60 7.81 -2.01
N GLY A 22 -2.48 8.27 -2.60
CA GLY A 22 -2.01 9.57 -2.17
C GLY A 22 -0.84 10.15 -2.92
N ILE A 23 -0.45 11.36 -2.51
CA ILE A 23 0.55 12.18 -3.15
C ILE A 23 1.95 11.63 -3.00
N ARG A 24 2.37 11.41 -1.76
CA ARG A 24 3.67 10.93 -1.37
C ARG A 24 3.46 9.63 -0.59
N ALA A 25 2.28 9.04 -0.79
CA ALA A 25 1.79 7.87 -0.08
C ALA A 25 2.69 6.66 -0.11
N GLY A 26 2.68 5.90 1.02
CA GLY A 26 3.63 4.82 1.23
C GLY A 26 2.87 3.62 1.61
N ALA A 27 3.48 2.45 1.51
CA ALA A 27 2.73 1.23 1.51
C ALA A 27 3.53 0.23 2.30
N LYS A 28 2.88 -0.47 3.23
CA LYS A 28 3.59 -1.43 4.04
C LYS A 28 2.65 -2.60 4.24
N CYS A 29 3.20 -3.81 4.35
CA CYS A 29 2.40 -5.02 4.45
C CYS A 29 2.27 -5.47 5.90
N MET A 30 1.11 -6.02 6.28
CA MET A 30 0.93 -6.72 7.52
C MET A 30 -0.31 -7.57 7.44
N ASN A 31 -0.29 -8.77 8.08
CA ASN A 31 -1.38 -9.74 8.11
C ASN A 31 -1.72 -10.22 6.70
N GLY A 32 -0.67 -10.27 5.86
CA GLY A 32 -0.75 -10.61 4.44
C GLY A 32 -1.44 -9.59 3.56
N LYS A 33 -1.69 -8.34 4.03
CA LYS A 33 -2.40 -7.36 3.25
C LYS A 33 -1.79 -6.00 3.49
N CYS A 34 -1.91 -5.09 2.53
CA CYS A 34 -1.30 -3.78 2.60
C CYS A 34 -1.94 -2.83 3.60
N LYS A 35 -1.19 -1.78 3.95
CA LYS A 35 -1.60 -0.62 4.67
C LYS A 35 -0.91 0.47 3.90
N CYS A 36 -1.66 1.05 2.98
CA CYS A 36 -1.31 2.23 2.22
C CYS A 36 -1.60 3.49 3.02
N TYR A 37 -0.56 4.26 3.36
CA TYR A 37 -0.60 5.40 4.24
C TYR A 37 -0.66 6.64 3.37
N PRO A 38 -1.74 7.39 3.29
CA PRO A 38 -1.84 8.53 2.40
C PRO A 38 -1.16 9.77 2.96
N HIS A 39 0.18 9.80 2.95
CA HIS A 39 0.94 10.97 3.33
C HIS A 39 1.08 12.00 2.19
N THR A 1 -5.17 4.11 3.94
CA THR A 1 -6.18 3.08 3.49
C THR A 1 -5.65 1.67 3.61
N VAL A 2 -6.50 0.66 3.47
CA VAL A 2 -6.16 -0.73 3.40
C VAL A 2 -6.95 -1.09 2.17
N ILE A 3 -6.32 -1.75 1.21
CA ILE A 3 -6.88 -2.16 -0.03
C ILE A 3 -7.08 -3.67 0.07
N ASP A 4 -7.11 -4.35 -1.07
CA ASP A 4 -7.10 -5.78 -1.18
C ASP A 4 -6.04 -6.20 -2.18
N VAL A 5 -4.83 -5.67 -1.93
CA VAL A 5 -3.61 -6.03 -2.60
C VAL A 5 -2.82 -6.84 -1.59
N LYS A 6 -2.58 -8.12 -1.91
CA LYS A 6 -2.04 -9.10 -0.98
C LYS A 6 -0.55 -9.24 -1.21
N CYS A 7 0.23 -9.30 -0.11
CA CYS A 7 1.66 -9.17 -0.18
C CYS A 7 2.43 -10.03 0.79
N THR A 8 3.71 -10.21 0.43
CA THR A 8 4.80 -10.51 1.35
C THR A 8 5.64 -9.27 1.55
N SER A 9 5.75 -8.47 0.50
CA SER A 9 6.70 -7.36 0.41
C SER A 9 5.98 -6.03 0.48
N PRO A 10 6.54 -4.97 1.08
CA PRO A 10 5.91 -3.65 1.07
C PRO A 10 5.85 -3.06 -0.33
N LYS A 11 6.80 -3.44 -1.22
CA LYS A 11 6.87 -2.93 -2.58
C LYS A 11 5.60 -3.19 -3.38
N GLN A 12 4.95 -4.33 -3.14
CA GLN A 12 3.69 -4.72 -3.77
C GLN A 12 2.52 -3.79 -3.47
N CYS A 13 2.62 -3.06 -2.34
CA CYS A 13 1.62 -2.11 -1.91
C CYS A 13 1.82 -0.75 -2.58
N LEU A 14 3.06 -0.46 -3.04
CA LEU A 14 3.44 0.88 -3.44
C LEU A 14 2.80 1.38 -4.73
N PRO A 15 2.82 0.73 -5.88
CA PRO A 15 2.13 1.24 -7.07
C PRO A 15 0.61 1.36 -6.92
N PRO A 16 -0.24 0.57 -6.24
CA PRO A 16 -1.62 0.96 -6.00
C PRO A 16 -1.75 2.09 -5.01
N CYS A 17 -0.96 2.10 -3.94
CA CYS A 17 -0.98 3.14 -2.94
C CYS A 17 -0.73 4.51 -3.54
N LYS A 18 0.35 4.59 -4.33
CA LYS A 18 0.74 5.75 -5.07
C LYS A 18 -0.13 6.06 -6.28
N ALA A 19 -1.06 5.17 -6.63
CA ALA A 19 -1.94 5.36 -7.77
C ALA A 19 -2.96 6.43 -7.51
N GLN A 20 -3.79 6.10 -6.52
CA GLN A 20 -5.05 6.67 -6.22
C GLN A 20 -5.08 7.29 -4.85
N PHE A 21 -4.26 6.78 -3.91
CA PHE A 21 -4.43 7.12 -2.53
C PHE A 21 -3.56 8.25 -2.03
N GLY A 22 -2.37 8.52 -2.60
CA GLY A 22 -1.72 9.74 -2.15
C GLY A 22 -0.54 10.22 -2.94
N ILE A 23 -0.09 11.44 -2.60
CA ILE A 23 0.90 12.20 -3.32
C ILE A 23 2.28 11.62 -3.20
N ARG A 24 2.76 11.41 -1.98
CA ARG A 24 4.05 10.85 -1.69
C ARG A 24 3.85 9.62 -0.80
N ALA A 25 2.68 8.96 -1.02
CA ALA A 25 2.15 7.93 -0.14
C ALA A 25 3.05 6.74 0.14
N GLY A 26 2.92 6.16 1.35
CA GLY A 26 3.81 5.11 1.82
C GLY A 26 3.00 3.88 1.92
N ALA A 27 3.64 2.73 1.95
CA ALA A 27 2.93 1.55 1.55
C ALA A 27 3.62 0.37 2.15
N LYS A 28 2.90 -0.42 2.95
CA LYS A 28 3.58 -1.41 3.74
C LYS A 28 2.64 -2.58 3.91
N CYS A 29 3.19 -3.77 4.14
CA CYS A 29 2.41 -4.98 4.25
C CYS A 29 2.13 -5.33 5.70
N MET A 30 0.92 -5.79 6.02
CA MET A 30 0.59 -6.35 7.31
C MET A 30 -0.58 -7.28 7.16
N ASN A 31 -0.54 -8.43 7.84
CA ASN A 31 -1.59 -9.45 7.84
C ASN A 31 -1.75 -10.06 6.44
N GLY A 32 -0.64 -10.07 5.69
CA GLY A 32 -0.59 -10.47 4.29
C GLY A 32 -1.20 -9.48 3.31
N LYS A 33 -1.51 -8.24 3.72
CA LYS A 33 -2.22 -7.32 2.88
C LYS A 33 -1.68 -5.90 3.05
N CYS A 34 -1.83 -5.10 1.99
CA CYS A 34 -1.32 -3.74 1.88
C CYS A 34 -2.00 -2.74 2.77
N LYS A 35 -1.18 -1.81 3.25
CA LYS A 35 -1.54 -0.80 4.20
C LYS A 35 -0.82 0.42 3.73
N CYS A 36 -1.57 1.16 2.92
CA CYS A 36 -1.24 2.42 2.31
C CYS A 36 -1.45 3.59 3.25
N TYR A 37 -0.42 4.43 3.41
CA TYR A 37 -0.39 5.59 4.26
C TYR A 37 -0.56 6.77 3.34
N PRO A 38 -1.73 7.41 3.22
CA PRO A 38 -2.00 8.33 2.12
C PRO A 38 -1.50 9.74 2.40
N HIS A 39 -0.18 9.88 2.51
CA HIS A 39 0.49 11.16 2.60
C HIS A 39 1.69 11.11 1.65
N THR A 1 -7.26 3.77 6.19
CA THR A 1 -7.00 3.26 4.79
C THR A 1 -6.43 1.86 4.78
N VAL A 2 -6.85 1.03 3.81
CA VAL A 2 -6.45 -0.34 3.60
C VAL A 2 -6.82 -0.45 2.14
N ILE A 3 -6.06 -1.18 1.34
CA ILE A 3 -6.42 -1.72 0.07
C ILE A 3 -6.21 -3.18 0.28
N ASP A 4 -6.93 -3.98 -0.51
CA ASP A 4 -6.87 -5.42 -0.54
C ASP A 4 -5.89 -5.90 -1.59
N VAL A 5 -4.70 -5.28 -1.55
CA VAL A 5 -3.54 -5.64 -2.31
C VAL A 5 -2.80 -6.63 -1.46
N LYS A 6 -2.42 -7.79 -2.05
CA LYS A 6 -1.82 -8.87 -1.31
C LYS A 6 -0.32 -8.77 -1.46
N CYS A 7 0.40 -9.09 -0.39
CA CYS A 7 1.82 -8.88 -0.36
C CYS A 7 2.62 -9.83 0.47
N THR A 8 3.88 -9.97 0.04
CA THR A 8 5.03 -10.47 0.77
C THR A 8 5.87 -9.30 1.23
N SER A 9 5.88 -8.25 0.40
CA SER A 9 6.71 -7.07 0.58
C SER A 9 5.85 -5.83 0.70
N PRO A 10 6.20 -4.80 1.47
CA PRO A 10 5.54 -3.50 1.35
C PRO A 10 5.70 -2.89 -0.01
N LYS A 11 6.74 -3.25 -0.78
CA LYS A 11 7.02 -2.66 -2.08
C LYS A 11 5.90 -2.90 -3.09
N GLN A 12 5.18 -4.02 -2.94
CA GLN A 12 4.05 -4.40 -3.75
C GLN A 12 2.85 -3.47 -3.63
N CYS A 13 2.80 -2.69 -2.55
CA CYS A 13 1.78 -1.70 -2.35
C CYS A 13 2.10 -0.37 -3.02
N LEU A 14 3.36 -0.12 -3.45
CA LEU A 14 3.75 1.20 -3.90
C LEU A 14 3.03 1.69 -5.15
N PRO A 15 2.90 0.96 -6.27
CA PRO A 15 2.10 1.42 -7.39
C PRO A 15 0.60 1.61 -7.09
N PRO A 16 -0.21 0.85 -6.34
CA PRO A 16 -1.57 1.26 -6.02
C PRO A 16 -1.64 2.43 -5.08
N CYS A 17 -0.73 2.50 -4.10
CA CYS A 17 -0.66 3.62 -3.19
C CYS A 17 -0.41 4.92 -3.92
N LYS A 18 0.53 4.90 -4.86
CA LYS A 18 0.75 6.00 -5.77
C LYS A 18 -0.33 6.24 -6.82
N ALA A 19 -1.23 5.27 -7.01
CA ALA A 19 -2.33 5.37 -7.95
C ALA A 19 -3.39 6.33 -7.48
N GLN A 20 -4.03 5.89 -6.40
CA GLN A 20 -5.27 6.33 -5.87
C GLN A 20 -5.03 7.17 -4.65
N PHE A 21 -4.09 6.70 -3.80
CA PHE A 21 -4.04 7.11 -2.43
C PHE A 21 -3.24 8.37 -2.21
N GLY A 22 -2.13 8.59 -2.94
CA GLY A 22 -1.48 9.88 -2.74
C GLY A 22 -0.27 10.20 -3.54
N ILE A 23 0.32 11.37 -3.29
CA ILE A 23 1.46 11.91 -3.98
C ILE A 23 2.75 11.17 -3.68
N ARG A 24 3.08 11.03 -2.39
CA ARG A 24 4.29 10.47 -1.85
C ARG A 24 3.93 9.23 -1.05
N ALA A 25 2.70 8.74 -1.29
CA ALA A 25 2.05 7.68 -0.57
C ALA A 25 2.79 6.36 -0.45
N GLY A 26 2.55 5.66 0.67
CA GLY A 26 3.39 4.57 1.11
C GLY A 26 2.53 3.52 1.69
N ALA A 27 3.12 2.52 2.32
CA ALA A 27 2.36 1.42 2.81
C ALA A 27 3.19 0.64 3.78
N LYS A 28 2.57 -0.39 4.32
CA LYS A 28 3.31 -1.60 4.59
C LYS A 28 2.36 -2.75 4.46
N CYS A 29 2.90 -3.92 4.73
CA CYS A 29 2.26 -5.19 4.61
C CYS A 29 2.14 -5.83 5.98
N MET A 30 0.98 -6.39 6.29
CA MET A 30 0.77 -7.25 7.44
C MET A 30 -0.46 -8.06 7.15
N ASN A 31 -0.58 -9.28 7.70
CA ASN A 31 -1.64 -10.24 7.44
C ASN A 31 -1.65 -10.74 5.99
N GLY A 32 -0.51 -10.54 5.31
CA GLY A 32 -0.34 -10.77 3.89
C GLY A 32 -1.02 -9.77 2.98
N LYS A 33 -1.51 -8.62 3.52
CA LYS A 33 -2.21 -7.65 2.72
C LYS A 33 -1.82 -6.25 3.18
N CYS A 34 -2.08 -5.26 2.32
CA CYS A 34 -1.57 -3.91 2.49
C CYS A 34 -2.15 -3.10 3.63
N LYS A 35 -1.46 -2.00 3.99
CA LYS A 35 -1.94 -0.96 4.85
C LYS A 35 -1.26 0.28 4.34
N CYS A 36 -1.94 0.95 3.40
CA CYS A 36 -1.51 2.13 2.68
C CYS A 36 -1.63 3.43 3.46
N TYR A 37 -0.64 4.32 3.34
CA TYR A 37 -0.54 5.62 3.95
C TYR A 37 -0.75 6.65 2.86
N PRO A 38 -1.87 7.36 2.76
CA PRO A 38 -2.09 8.34 1.70
C PRO A 38 -1.42 9.67 2.00
N HIS A 39 -0.10 9.75 1.83
CA HIS A 39 0.67 10.92 2.11
C HIS A 39 0.96 11.80 0.85
N THR A 1 -5.05 3.84 4.78
CA THR A 1 -6.11 3.04 4.07
C THR A 1 -5.72 1.58 3.99
N VAL A 2 -6.59 0.74 3.43
CA VAL A 2 -6.40 -0.67 3.24
C VAL A 2 -7.05 -0.84 1.89
N ILE A 3 -6.39 -1.55 0.98
CA ILE A 3 -6.86 -1.90 -0.33
C ILE A 3 -7.28 -3.36 -0.25
N ASP A 4 -7.16 -4.10 -1.37
CA ASP A 4 -7.21 -5.53 -1.40
C ASP A 4 -6.05 -6.07 -2.21
N VAL A 5 -4.89 -5.45 -1.94
CA VAL A 5 -3.60 -5.91 -2.33
C VAL A 5 -3.13 -6.82 -1.23
N LYS A 6 -2.86 -8.10 -1.56
CA LYS A 6 -2.26 -9.03 -0.61
C LYS A 6 -0.79 -8.98 -0.91
N CYS A 7 0.04 -9.03 0.16
CA CYS A 7 1.43 -8.67 0.04
C CYS A 7 2.46 -9.69 0.43
N THR A 8 3.60 -9.57 -0.26
CA THR A 8 4.85 -10.25 0.00
C THR A 8 5.91 -9.27 0.43
N SER A 9 5.58 -7.97 0.37
CA SER A 9 6.49 -6.88 0.64
C SER A 9 5.62 -5.66 0.75
N PRO A 10 5.96 -4.56 1.42
CA PRO A 10 5.25 -3.31 1.20
C PRO A 10 5.48 -2.77 -0.19
N LYS A 11 6.63 -3.12 -0.83
CA LYS A 11 7.04 -2.48 -2.07
C LYS A 11 6.12 -2.74 -3.23
N GLN A 12 5.54 -3.95 -3.29
CA GLN A 12 4.58 -4.32 -4.30
C GLN A 12 3.23 -3.61 -4.17
N CYS A 13 2.97 -2.96 -3.02
CA CYS A 13 1.79 -2.15 -2.86
C CYS A 13 2.07 -0.68 -3.13
N LEU A 14 3.35 -0.31 -3.37
CA LEU A 14 3.72 1.06 -3.71
C LEU A 14 3.05 1.59 -4.98
N PRO A 15 3.04 0.94 -6.15
CA PRO A 15 2.31 1.46 -7.30
C PRO A 15 0.79 1.59 -7.13
N PRO A 16 -0.05 0.76 -6.49
CA PRO A 16 -1.44 1.12 -6.23
C PRO A 16 -1.57 2.23 -5.22
N CYS A 17 -0.74 2.26 -4.18
CA CYS A 17 -0.77 3.32 -3.20
C CYS A 17 -0.53 4.68 -3.80
N LYS A 18 0.48 4.76 -4.66
CA LYS A 18 0.78 5.92 -5.47
C LYS A 18 -0.16 6.21 -6.63
N ALA A 19 -1.14 5.33 -6.89
CA ALA A 19 -2.08 5.47 -7.98
C ALA A 19 -3.06 6.59 -7.73
N GLN A 20 -3.70 6.50 -6.57
CA GLN A 20 -4.74 7.39 -6.14
C GLN A 20 -4.85 7.53 -4.63
N PHE A 21 -4.19 6.69 -3.82
CA PHE A 21 -4.27 6.80 -2.39
C PHE A 21 -3.38 7.89 -1.84
N GLY A 22 -2.27 8.26 -2.52
CA GLY A 22 -1.67 9.54 -2.18
C GLY A 22 -0.51 9.95 -3.02
N ILE A 23 -0.20 11.26 -3.00
CA ILE A 23 0.79 11.88 -3.84
C ILE A 23 2.20 11.46 -3.46
N ARG A 24 2.44 11.24 -2.16
CA ARG A 24 3.69 10.83 -1.57
C ARG A 24 3.58 9.44 -0.96
N ALA A 25 2.51 8.70 -1.28
CA ALA A 25 2.09 7.52 -0.54
C ALA A 25 3.06 6.35 -0.45
N GLY A 26 2.78 5.45 0.53
CA GLY A 26 3.60 4.30 0.83
C GLY A 26 2.69 3.23 1.29
N ALA A 27 3.23 2.13 1.80
CA ALA A 27 2.45 1.00 2.19
C ALA A 27 3.17 0.28 3.28
N LYS A 28 2.39 -0.44 4.09
CA LYS A 28 2.87 -1.47 4.96
C LYS A 28 2.35 -2.77 4.43
N CYS A 29 3.14 -3.81 4.60
CA CYS A 29 2.62 -5.17 4.53
C CYS A 29 2.29 -5.62 5.93
N MET A 30 1.04 -5.99 6.20
CA MET A 30 0.69 -6.46 7.51
C MET A 30 -0.44 -7.45 7.46
N ASN A 31 -0.19 -8.61 8.09
CA ASN A 31 -1.08 -9.76 8.17
C ASN A 31 -1.34 -10.32 6.77
N GLY A 32 -0.32 -10.17 5.89
CA GLY A 32 -0.40 -10.55 4.48
C GLY A 32 -1.22 -9.61 3.62
N LYS A 33 -1.66 -8.44 4.11
CA LYS A 33 -2.48 -7.56 3.33
C LYS A 33 -1.96 -6.15 3.49
N CYS A 34 -2.02 -5.35 2.42
CA CYS A 34 -1.49 -4.00 2.41
C CYS A 34 -2.27 -3.01 3.24
N LYS A 35 -1.52 -2.11 3.86
CA LYS A 35 -1.95 -1.12 4.80
C LYS A 35 -1.32 0.14 4.26
N CYS A 36 -2.01 0.71 3.28
CA CYS A 36 -1.60 1.85 2.48
C CYS A 36 -1.58 3.18 3.22
N TYR A 37 -0.52 3.98 3.03
CA TYR A 37 -0.18 5.12 3.84
C TYR A 37 -0.15 6.39 3.00
N PRO A 38 -1.12 7.28 3.01
CA PRO A 38 -0.89 8.70 2.74
C PRO A 38 -0.27 9.38 3.95
N HIS A 39 0.92 8.92 4.34
CA HIS A 39 1.56 9.17 5.62
C HIS A 39 3.03 8.78 5.44
N THR A 1 -7.82 3.07 6.08
CA THR A 1 -7.47 2.45 4.76
C THR A 1 -6.65 1.19 4.89
N VAL A 2 -6.98 0.17 4.09
CA VAL A 2 -6.36 -1.13 3.94
C VAL A 2 -6.96 -1.46 2.61
N ILE A 3 -6.24 -2.14 1.72
CA ILE A 3 -6.70 -2.65 0.49
C ILE A 3 -6.07 -4.02 0.43
N ASP A 4 -6.78 -4.97 -0.16
CA ASP A 4 -6.43 -6.37 -0.20
C ASP A 4 -5.62 -6.74 -1.43
N VAL A 5 -4.62 -5.88 -1.69
CA VAL A 5 -3.53 -6.14 -2.59
C VAL A 5 -2.51 -6.89 -1.76
N LYS A 6 -2.38 -8.20 -2.01
CA LYS A 6 -1.71 -9.09 -1.09
C LYS A 6 -0.21 -9.16 -1.34
N CYS A 7 0.56 -9.29 -0.25
CA CYS A 7 1.98 -9.00 -0.28
C CYS A 7 2.92 -10.10 0.16
N THR A 8 4.05 -10.13 -0.57
CA THR A 8 5.23 -10.96 -0.36
C THR A 8 6.40 -10.03 -0.05
N SER A 9 6.14 -8.72 -0.01
CA SER A 9 7.13 -7.69 0.16
C SER A 9 6.35 -6.40 0.32
N PRO A 10 6.81 -5.33 0.96
CA PRO A 10 6.04 -4.09 1.06
C PRO A 10 5.92 -3.37 -0.27
N LYS A 11 6.83 -3.67 -1.22
CA LYS A 11 6.87 -3.08 -2.55
C LYS A 11 5.57 -3.25 -3.33
N GLN A 12 4.86 -4.37 -3.09
CA GLN A 12 3.57 -4.68 -3.70
C GLN A 12 2.47 -3.69 -3.36
N CYS A 13 2.62 -2.98 -2.23
CA CYS A 13 1.70 -1.97 -1.77
C CYS A 13 1.93 -0.63 -2.45
N LEU A 14 3.15 -0.39 -3.01
CA LEU A 14 3.50 0.90 -3.55
C LEU A 14 2.73 1.27 -4.83
N PRO A 15 2.63 0.49 -5.91
CA PRO A 15 1.83 0.88 -7.07
C PRO A 15 0.31 0.98 -6.82
N PRO A 16 -0.45 0.31 -5.94
CA PRO A 16 -1.81 0.75 -5.64
C PRO A 16 -1.83 1.98 -4.78
N CYS A 17 -0.94 2.09 -3.79
CA CYS A 17 -0.93 3.23 -2.89
C CYS A 17 -0.65 4.52 -3.64
N LYS A 18 0.52 4.57 -4.31
CA LYS A 18 0.88 5.54 -5.30
C LYS A 18 0.15 5.36 -6.62
N ALA A 19 -1.01 4.69 -6.67
CA ALA A 19 -1.93 4.91 -7.77
C ALA A 19 -2.54 6.28 -7.60
N GLN A 20 -3.48 6.28 -6.65
CA GLN A 20 -4.53 7.22 -6.47
C GLN A 20 -4.45 7.95 -5.16
N PHE A 21 -3.98 7.30 -4.08
CA PHE A 21 -4.12 7.79 -2.74
C PHE A 21 -3.15 8.91 -2.43
N GLY A 22 -1.96 8.93 -3.05
CA GLY A 22 -1.17 10.13 -2.99
C GLY A 22 0.25 9.99 -3.44
N ILE A 23 0.86 11.12 -3.86
CA ILE A 23 2.29 11.30 -3.93
C ILE A 23 2.94 11.43 -2.54
N ARG A 24 2.13 11.87 -1.55
CA ARG A 24 2.45 12.05 -0.17
C ARG A 24 2.35 10.72 0.58
N ALA A 25 1.60 9.75 0.04
CA ALA A 25 1.32 8.50 0.70
C ALA A 25 2.50 7.53 0.84
N GLY A 26 2.44 6.66 1.87
CA GLY A 26 3.42 5.60 2.11
C GLY A 26 2.71 4.31 2.17
N ALA A 27 3.41 3.17 2.20
CA ALA A 27 2.80 1.94 1.81
C ALA A 27 3.52 0.80 2.50
N LYS A 28 2.79 -0.11 3.17
CA LYS A 28 3.46 -1.28 3.72
C LYS A 28 2.57 -2.48 3.73
N CYS A 29 3.16 -3.62 4.12
CA CYS A 29 2.52 -4.92 4.19
C CYS A 29 2.11 -5.20 5.63
N MET A 30 0.87 -5.64 5.86
CA MET A 30 0.37 -6.08 7.14
C MET A 30 -0.87 -6.93 6.96
N ASN A 31 -1.02 -8.01 7.73
CA ASN A 31 -2.16 -8.94 7.68
C ASN A 31 -2.27 -9.57 6.29
N GLY A 32 -1.09 -9.80 5.69
CA GLY A 32 -0.94 -10.32 4.34
C GLY A 32 -1.27 -9.38 3.21
N LYS A 33 -1.64 -8.10 3.48
CA LYS A 33 -2.02 -7.18 2.45
C LYS A 33 -1.46 -5.79 2.67
N CYS A 34 -1.72 -4.91 1.71
CA CYS A 34 -1.31 -3.53 1.67
C CYS A 34 -2.01 -2.64 2.67
N LYS A 35 -1.23 -1.68 3.15
CA LYS A 35 -1.70 -0.68 4.05
C LYS A 35 -1.05 0.57 3.51
N CYS A 36 -1.81 1.25 2.65
CA CYS A 36 -1.53 2.58 2.17
C CYS A 36 -1.84 3.64 3.23
N TYR A 37 -0.89 4.55 3.45
CA TYR A 37 -0.92 5.65 4.36
C TYR A 37 -0.96 6.95 3.57
N PRO A 38 -2.07 7.48 3.07
CA PRO A 38 -2.19 8.91 2.81
C PRO A 38 -2.38 9.64 4.14
N HIS A 39 -1.33 9.68 4.95
CA HIS A 39 -1.28 10.12 6.29
C HIS A 39 0.11 10.80 6.37
N THR A 1 -4.95 4.67 3.88
CA THR A 1 -6.08 3.78 3.44
C THR A 1 -5.73 2.33 3.62
N VAL A 2 -6.64 1.43 3.24
CA VAL A 2 -6.46 0.01 3.27
C VAL A 2 -7.03 -0.36 1.92
N ILE A 3 -6.29 -1.17 1.20
CA ILE A 3 -6.63 -1.83 0.00
C ILE A 3 -6.36 -3.28 0.34
N ASP A 4 -7.03 -4.16 -0.39
CA ASP A 4 -6.81 -5.58 -0.39
C ASP A 4 -5.88 -5.94 -1.53
N VAL A 5 -4.73 -5.27 -1.53
CA VAL A 5 -3.58 -5.63 -2.30
C VAL A 5 -2.80 -6.58 -1.44
N LYS A 6 -2.64 -7.83 -1.89
CA LYS A 6 -1.98 -8.85 -1.09
C LYS A 6 -0.50 -8.78 -1.32
N CYS A 7 0.27 -8.96 -0.24
CA CYS A 7 1.69 -8.72 -0.25
C CYS A 7 2.58 -9.76 0.39
N THR A 8 3.78 -9.85 -0.19
CA THR A 8 4.93 -10.63 0.27
C THR A 8 6.05 -9.66 0.65
N SER A 9 5.77 -8.35 0.52
CA SER A 9 6.74 -7.31 0.73
C SER A 9 5.97 -6.01 0.63
N PRO A 10 6.36 -4.88 1.22
CA PRO A 10 5.62 -3.62 1.10
C PRO A 10 5.66 -3.09 -0.33
N LYS A 11 6.72 -3.44 -1.09
CA LYS A 11 7.01 -3.08 -2.46
C LYS A 11 5.79 -3.19 -3.36
N GLN A 12 5.11 -4.34 -3.21
CA GLN A 12 3.97 -4.76 -4.03
C GLN A 12 2.79 -3.81 -3.93
N CYS A 13 2.65 -3.12 -2.79
CA CYS A 13 1.56 -2.19 -2.60
C CYS A 13 1.93 -0.76 -2.95
N LEU A 14 3.22 -0.49 -3.23
CA LEU A 14 3.65 0.85 -3.54
C LEU A 14 3.13 1.39 -4.88
N PRO A 15 3.08 0.67 -6.00
CA PRO A 15 2.35 1.11 -7.19
C PRO A 15 0.85 1.38 -6.99
N PRO A 16 -0.04 0.63 -6.35
CA PRO A 16 -1.42 1.07 -6.14
C PRO A 16 -1.51 2.23 -5.18
N CYS A 17 -0.66 2.27 -4.15
CA CYS A 17 -0.54 3.39 -3.26
C CYS A 17 -0.07 4.64 -3.96
N LYS A 18 0.68 4.53 -5.06
CA LYS A 18 0.86 5.63 -6.00
C LYS A 18 -0.33 6.02 -6.85
N ALA A 19 -1.14 5.03 -7.21
CA ALA A 19 -2.20 5.11 -8.18
C ALA A 19 -3.37 5.91 -7.69
N GLN A 20 -3.98 5.30 -6.68
CA GLN A 20 -5.20 5.69 -6.06
C GLN A 20 -4.94 6.76 -5.05
N PHE A 21 -3.81 6.61 -4.35
CA PHE A 21 -3.52 7.32 -3.14
C PHE A 21 -2.38 8.32 -3.27
N GLY A 22 -1.70 8.37 -4.43
CA GLY A 22 -0.88 9.51 -4.81
C GLY A 22 0.58 9.42 -4.49
N ILE A 23 1.33 10.49 -4.81
CA ILE A 23 2.76 10.51 -4.87
C ILE A 23 3.42 10.42 -3.52
N ARG A 24 2.80 11.00 -2.49
CA ARG A 24 3.31 10.99 -1.14
C ARG A 24 3.07 9.64 -0.50
N ALA A 25 1.97 8.95 -0.82
CA ALA A 25 1.44 7.88 0.00
C ALA A 25 2.32 6.65 0.15
N GLY A 26 2.42 6.09 1.38
CA GLY A 26 3.30 4.99 1.71
C GLY A 26 2.51 3.73 1.75
N ALA A 27 3.17 2.58 1.93
CA ALA A 27 2.50 1.32 1.80
C ALA A 27 3.25 0.29 2.57
N LYS A 28 2.57 -0.51 3.41
CA LYS A 28 3.26 -1.60 4.05
C LYS A 28 2.32 -2.75 4.27
N CYS A 29 2.87 -3.90 4.65
CA CYS A 29 2.17 -5.17 4.67
C CYS A 29 1.88 -5.64 6.07
N MET A 30 0.64 -6.01 6.39
CA MET A 30 0.23 -6.73 7.55
C MET A 30 -0.54 -7.99 7.17
N ASN A 31 -0.10 -9.16 7.65
CA ASN A 31 -0.82 -10.43 7.56
C ASN A 31 -1.03 -10.87 6.10
N GLY A 32 -0.11 -10.39 5.25
CA GLY A 32 -0.16 -10.60 3.80
C GLY A 32 -1.05 -9.65 3.03
N LYS A 33 -1.51 -8.53 3.61
CA LYS A 33 -2.35 -7.56 2.96
C LYS A 33 -1.85 -6.16 3.30
N CYS A 34 -2.12 -5.18 2.45
CA CYS A 34 -1.65 -3.81 2.60
C CYS A 34 -2.23 -2.95 3.72
N LYS A 35 -1.51 -1.89 4.09
CA LYS A 35 -1.92 -0.79 4.88
C LYS A 35 -1.14 0.38 4.35
N CYS A 36 -1.84 1.13 3.52
CA CYS A 36 -1.41 2.31 2.81
C CYS A 36 -1.45 3.55 3.70
N TYR A 37 -0.38 4.36 3.76
CA TYR A 37 -0.33 5.52 4.61
C TYR A 37 -0.64 6.74 3.75
N PRO A 38 -1.42 7.75 4.16
CA PRO A 38 -1.56 8.98 3.37
C PRO A 38 -0.48 9.98 3.71
N HIS A 39 0.67 9.43 4.00
CA HIS A 39 1.89 10.06 4.38
C HIS A 39 3.00 8.99 4.33
#